data_5LHS
#
_entry.id   5LHS
#
_cell.length_a   194.700
_cell.length_b   194.700
_cell.length_c   37.000
_cell.angle_alpha   90.00
_cell.angle_beta   90.00
_cell.angle_gamma   120.00
#
_symmetry.space_group_name_H-M   'P 32'
#
loop_
_entity.id
_entity.type
_entity.pdbx_description
1 polymer 'Urokinase-type plasminogen activator'
2 non-polymer 'SULFATE ION'
3 non-polymer 'NICKEL (II) ION'
#
_entity_poly.entity_id   1
_entity_poly.type   'polypeptide(L)'
_entity_poly.pdbx_seq_one_letter_code
;IVGGEFTEVENQPWFAAIYQKNKGGSPPSFKCGGSLISPCWVASAAHCFIQLPKKENYVVYLGQSKESSYNPGEMKFEVE
QLILHEYYREDSLAYHNDIALLKIRTSTGQCAQPSRSIQTIALPPRFTDAPFGSDCEITGFGKESESDYLYPKNLKMSVV
KLVSHEQCMQPHYYGSEINYKMLCAADPEWKTDSCKGDSGGPLICNIEGRPTLSGIVSWGRGCAEKNKPGVYTRVSHFLD
WIQSHIG
;
_entity_poly.pdbx_strand_id   B,A,C,D
#
# COMPACT_ATOMS: atom_id res chain seq x y z
N GLU A 10 25.63 -12.95 -16.12
CA GLU A 10 26.99 -13.38 -16.39
C GLU A 10 27.96 -12.24 -16.71
N ASN A 11 28.69 -12.37 -17.81
CA ASN A 11 29.63 -11.36 -18.26
C ASN A 11 29.05 -10.65 -19.47
N GLN A 12 28.32 -9.58 -19.18
CA GLN A 12 27.91 -8.67 -20.22
C GLN A 12 28.97 -7.59 -20.18
N PRO A 13 29.22 -6.92 -21.31
CA PRO A 13 30.32 -5.97 -21.50
C PRO A 13 30.55 -4.98 -20.36
N TRP A 14 29.56 -4.81 -19.48
CA TRP A 14 29.68 -3.86 -18.38
C TRP A 14 30.22 -4.47 -17.09
N PHE A 15 30.28 -5.79 -17.01
CA PHE A 15 30.68 -6.44 -15.78
C PHE A 15 32.16 -6.26 -15.49
N ALA A 16 32.47 -5.90 -14.24
CA ALA A 16 33.85 -5.74 -13.81
C ALA A 16 34.16 -6.71 -12.67
N ALA A 17 35.22 -7.49 -12.84
CA ALA A 17 35.63 -8.45 -11.82
C ALA A 17 36.74 -7.90 -10.93
N ILE A 18 36.38 -7.45 -9.74
CA ILE A 18 37.36 -6.93 -8.80
C ILE A 18 38.05 -8.05 -8.03
N TYR A 19 39.38 -8.05 -8.08
CA TYR A 19 40.18 -9.01 -7.35
C TYR A 19 41.00 -8.32 -6.27
N GLN A 20 41.33 -9.08 -5.23
CA GLN A 20 42.15 -8.59 -4.15
C GLN A 20 43.55 -9.19 -4.24
N LYS A 21 44.53 -8.32 -4.47
CA LYS A 21 45.92 -8.76 -4.57
C LYS A 21 46.34 -9.54 -3.34
N ASN A 22 46.57 -10.84 -3.53
CA ASN A 22 46.98 -11.71 -2.43
C ASN A 22 48.44 -11.47 -2.02
N LYS A 23 48.78 -11.89 -0.81
CA LYS A 23 50.14 -11.72 -0.30
C LYS A 23 51.02 -12.91 -0.69
N GLY A 24 52.30 -12.63 -0.89
CA GLY A 24 53.25 -13.67 -1.27
C GLY A 24 53.36 -13.83 -2.78
N GLY A 25 53.27 -15.07 -3.24
CA GLY A 25 53.36 -15.37 -4.65
C GLY A 25 52.05 -15.88 -5.22
N SER A 26 51.14 -16.26 -4.34
CA SER A 26 49.83 -16.77 -4.75
C SER A 26 49.15 -15.81 -5.74
N PRO A 27 47.96 -16.26 -6.29
CA PRO A 27 47.34 -15.32 -7.22
C PRO A 27 46.23 -14.52 -6.55
N PRO A 28 46.00 -13.24 -7.04
CA PRO A 28 44.91 -12.52 -6.37
C PRO A 28 43.61 -13.32 -6.36
N SER A 29 42.82 -13.16 -5.30
CA SER A 29 41.55 -13.86 -5.18
C SER A 29 40.40 -13.00 -5.65
N PHE A 30 39.28 -13.63 -6.00
CA PHE A 30 38.10 -12.91 -6.46
C PHE A 30 37.48 -12.23 -5.24
N LYS A 31 37.06 -10.97 -5.35
CA LYS A 31 36.54 -10.31 -4.15
C LYS A 31 35.04 -10.04 -4.32
N CYS A 32 34.69 -8.96 -5.02
CA CYS A 32 33.29 -8.65 -5.28
C CYS A 32 33.17 -8.07 -6.69
N GLY A 33 31.97 -8.12 -7.26
CA GLY A 33 31.75 -7.62 -8.61
C GLY A 33 31.22 -6.21 -8.71
N GLY A 34 31.40 -5.63 -9.89
CA GLY A 34 31.02 -4.25 -10.14
C GLY A 34 30.56 -4.00 -11.57
N SER A 35 30.09 -2.79 -11.83
CA SER A 35 29.62 -2.41 -13.16
C SER A 35 30.39 -1.20 -13.70
N LEU A 36 30.77 -1.27 -14.96
CA LEU A 36 31.45 -0.17 -15.62
C LEU A 36 30.45 0.93 -15.96
N ILE A 37 30.41 1.98 -15.17
CA ILE A 37 29.46 3.07 -15.39
C ILE A 37 30.09 4.17 -16.24
N SER A 38 31.42 4.19 -16.27
CA SER A 38 32.15 5.17 -17.07
C SER A 38 33.43 4.53 -17.60
N PRO A 39 33.92 5.01 -18.75
CA PRO A 39 35.19 4.52 -19.32
C PRO A 39 36.34 4.53 -18.31
N CYS A 40 36.27 5.41 -17.31
CA CYS A 40 37.30 5.49 -16.28
C CYS A 40 36.76 5.18 -14.89
N TRP A 41 35.53 4.70 -14.82
CA TRP A 41 34.88 4.47 -13.52
C TRP A 41 34.05 3.19 -13.43
N VAL A 42 34.29 2.43 -12.36
CA VAL A 42 33.56 1.21 -12.05
C VAL A 42 32.86 1.33 -10.70
N ALA A 43 31.57 1.05 -10.64
CA ALA A 43 30.82 1.14 -9.39
C ALA A 43 30.66 -0.24 -8.74
N SER A 44 30.87 -0.32 -7.43
CA SER A 44 30.75 -1.59 -6.71
C SER A 44 30.29 -1.38 -5.27
N ALA A 45 30.37 -2.43 -4.46
CA ALA A 45 29.93 -2.36 -3.07
C ALA A 45 31.06 -1.89 -2.15
N ALA A 46 30.77 -0.92 -1.30
CA ALA A 46 31.77 -0.36 -0.41
C ALA A 46 32.20 -1.34 0.68
N HIS A 47 31.30 -2.26 1.04
CA HIS A 47 31.57 -3.17 2.14
C HIS A 47 32.62 -4.22 1.76
N CYS A 48 33.04 -4.22 0.50
CA CYS A 48 34.03 -5.18 0.03
C CYS A 48 35.42 -4.63 0.27
N PHE A 49 35.49 -3.36 0.63
CA PHE A 49 36.76 -2.67 0.76
C PHE A 49 36.99 -2.02 2.12
N ILE A 50 35.97 -2.03 2.97
CA ILE A 50 36.01 -1.25 4.20
C ILE A 50 37.08 -1.79 5.15
N GLN A 51 37.46 -3.05 4.95
CA GLN A 51 38.44 -3.71 5.81
C GLN A 51 39.86 -3.61 5.26
N LEU A 52 39.98 -3.27 3.97
CA LEU A 52 41.26 -2.91 3.37
C LEU A 52 41.08 -1.74 2.41
N PRO A 53 40.96 -0.52 2.96
CA PRO A 53 40.51 0.68 2.25
C PRO A 53 41.53 1.31 1.30
N LYS A 54 42.63 0.63 1.02
CA LYS A 54 43.69 1.23 0.21
C LYS A 54 43.71 0.70 -1.23
N LYS A 55 44.04 1.60 -2.15
CA LYS A 55 43.89 1.37 -3.60
C LYS A 55 44.71 0.18 -4.11
N GLU A 56 45.92 0.04 -3.58
CA GLU A 56 46.92 -0.87 -4.12
C GLU A 56 46.65 -2.35 -3.93
N ASN A 57 45.63 -2.69 -3.14
CA ASN A 57 45.35 -4.09 -2.84
C ASN A 57 44.36 -4.71 -3.82
N TYR A 58 43.96 -3.96 -4.84
CA TYR A 58 42.91 -4.42 -5.74
C TYR A 58 43.24 -4.23 -7.21
N VAL A 59 42.74 -5.15 -8.03
CA VAL A 59 42.90 -5.09 -9.48
C VAL A 59 41.60 -5.53 -10.14
N VAL A 60 41.04 -4.67 -10.98
CA VAL A 60 39.79 -5.02 -11.65
C VAL A 60 40.07 -5.58 -13.04
N TYR A 61 39.18 -6.45 -13.50
CA TYR A 61 39.31 -7.05 -14.82
C TYR A 61 38.05 -6.81 -15.64
N LEU A 62 38.26 -6.47 -16.90
CA LEU A 62 37.17 -6.19 -17.83
C LEU A 62 37.26 -7.08 -19.05
N GLY A 63 36.16 -7.17 -19.79
CA GLY A 63 36.13 -7.93 -21.01
C GLY A 63 35.71 -9.36 -20.78
N GLN A 64 36.23 -10.25 -21.62
CA GLN A 64 35.85 -11.65 -21.59
C GLN A 64 36.44 -12.37 -20.38
N PRO A 72 40.86 -13.02 -14.79
CA PRO A 72 41.41 -12.40 -15.98
C PRO A 72 40.38 -12.19 -17.07
N GLY A 73 40.74 -11.34 -18.01
CA GLY A 73 39.89 -11.02 -19.13
C GLY A 73 40.68 -10.25 -20.14
N GLU A 74 39.97 -9.67 -21.08
CA GLU A 74 40.52 -8.90 -22.16
C GLU A 74 41.23 -7.62 -21.75
N MET A 75 41.03 -7.16 -20.53
CA MET A 75 41.64 -5.92 -20.08
C MET A 75 41.90 -5.93 -18.56
N LYS A 76 43.09 -5.47 -18.18
CA LYS A 76 43.53 -5.43 -16.80
C LYS A 76 43.69 -4.00 -16.31
N PHE A 77 43.02 -3.66 -15.22
CA PHE A 77 43.13 -2.32 -14.67
C PHE A 77 43.53 -2.34 -13.20
N GLU A 78 44.39 -1.40 -12.85
CA GLU A 78 44.72 -1.14 -11.46
C GLU A 78 43.94 0.11 -11.07
N VAL A 79 43.51 0.19 -9.82
CA VAL A 79 42.66 1.30 -9.39
C VAL A 79 43.47 2.51 -8.91
N GLU A 80 43.51 3.53 -9.76
CA GLU A 80 44.15 4.80 -9.44
C GLU A 80 43.54 5.46 -8.21
N GLN A 81 42.23 5.30 -8.02
CA GLN A 81 41.55 5.88 -6.88
C GLN A 81 40.42 4.97 -6.38
N LEU A 82 40.30 4.85 -5.06
CA LEU A 82 39.27 4.05 -4.42
C LEU A 82 38.40 4.91 -3.52
N ILE A 83 37.17 5.17 -3.96
CA ILE A 83 36.26 6.05 -3.25
C ILE A 83 35.13 5.31 -2.55
N LEU A 84 35.19 5.23 -1.23
CA LEU A 84 34.10 4.68 -0.44
C LEU A 84 33.19 5.82 0.00
N HIS A 85 31.88 5.58 0.00
CA HIS A 85 30.91 6.59 0.42
C HIS A 85 31.20 7.03 1.85
N GLU A 86 31.29 8.33 2.07
CA GLU A 86 31.68 8.89 3.37
C GLU A 86 30.69 8.53 4.47
N TYR A 87 29.45 8.26 4.10
CA TYR A 87 28.42 7.93 5.07
C TYR A 87 28.15 6.43 5.13
N TYR A 88 29.09 5.64 4.63
CA TYR A 88 28.98 4.19 4.75
C TYR A 88 28.98 3.77 6.22
N ARG A 89 28.10 2.84 6.54
CA ARG A 89 27.97 2.33 7.90
C ARG A 89 27.33 0.94 7.87
N GLU A 90 27.86 0.05 8.69
CA GLU A 90 27.29 -1.27 8.83
C GLU A 90 26.68 -1.46 10.21
N ASP A 91 25.36 -1.38 10.29
CA ASP A 91 24.70 -1.78 11.52
C ASP A 91 24.49 -3.29 11.45
N SER A 92 24.04 -3.88 12.54
CA SER A 92 23.90 -5.33 12.63
C SER A 92 22.83 -5.93 11.71
N LEU A 93 22.17 -5.09 10.91
CA LEU A 93 21.09 -5.57 10.05
C LEU A 93 21.40 -5.55 8.56
N ALA A 94 21.98 -4.45 8.08
CA ALA A 94 22.33 -4.35 6.66
C ALA A 94 23.45 -3.36 6.41
N TYR A 95 23.86 -3.24 5.15
CA TYR A 95 24.84 -2.24 4.74
C TYR A 95 24.13 -0.98 4.25
N HIS A 96 24.39 0.14 4.90
CA HIS A 96 23.78 1.39 4.51
C HIS A 96 24.78 2.29 3.79
N ASN A 97 24.33 2.93 2.72
CA ASN A 97 25.20 3.69 1.82
C ASN A 97 26.32 2.80 1.28
N ASP A 98 25.96 1.56 0.95
CA ASP A 98 26.92 0.57 0.50
C ASP A 98 27.28 0.76 -0.97
N ILE A 99 28.08 1.79 -1.25
CA ILE A 99 28.47 2.08 -2.63
C ILE A 99 29.90 2.61 -2.67
N ALA A 100 30.63 2.21 -3.71
CA ALA A 100 32.03 2.57 -3.86
C ALA A 100 32.38 2.82 -5.31
N LEU A 101 33.26 3.78 -5.54
CA LEU A 101 33.70 4.12 -6.89
C LEU A 101 35.17 3.80 -7.09
N LEU A 102 35.46 3.11 -8.19
CA LEU A 102 36.81 2.72 -8.56
C LEU A 102 37.23 3.40 -9.86
N LYS A 103 38.17 4.33 -9.76
CA LYS A 103 38.79 4.91 -10.94
C LYS A 103 39.84 3.96 -11.47
N ILE A 104 39.61 3.39 -12.64
CA ILE A 104 40.50 2.37 -13.18
C ILE A 104 41.50 2.96 -14.16
N ARG A 105 42.63 2.28 -14.32
CA ARG A 105 43.66 2.70 -15.27
C ARG A 105 44.62 1.57 -15.58
N THR A 106 45.15 1.55 -16.79
CA THR A 106 46.11 0.53 -17.20
C THR A 106 47.55 0.93 -16.93
N SER A 107 48.49 0.02 -17.20
CA SER A 107 49.90 0.31 -17.02
C SER A 107 50.35 1.39 -17.99
N THR A 108 49.71 1.39 -19.16
CA THR A 108 50.01 2.36 -20.21
C THR A 108 49.39 3.74 -19.97
N GLY A 109 48.50 3.85 -18.98
CA GLY A 109 47.96 5.13 -18.59
C GLY A 109 46.60 5.42 -19.20
N GLN A 110 46.07 4.44 -19.91
CA GLN A 110 44.80 4.57 -20.60
C GLN A 110 43.63 4.04 -19.77
N CYS A 111 42.44 4.62 -19.95
CA CYS A 111 41.23 4.06 -19.34
C CYS A 111 40.61 3.02 -20.25
N ALA A 112 39.52 2.40 -19.79
CA ALA A 112 38.84 1.37 -20.57
C ALA A 112 38.33 1.93 -21.90
N GLN A 113 38.58 1.20 -22.97
CA GLN A 113 38.24 1.63 -24.33
C GLN A 113 37.12 0.77 -24.92
N PRO A 114 35.96 1.40 -25.22
CA PRO A 114 34.76 0.75 -25.75
C PRO A 114 34.97 -0.26 -26.87
N SER A 115 34.22 -1.36 -26.80
CA SER A 115 34.23 -2.41 -27.82
C SER A 115 32.94 -3.23 -27.71
N ARG A 116 32.87 -4.34 -28.43
CA ARG A 116 31.72 -5.24 -28.36
C ARG A 116 31.85 -6.24 -27.21
N SER A 117 32.88 -6.08 -26.41
CA SER A 117 33.05 -6.91 -25.22
C SER A 117 33.24 -6.09 -23.97
N ILE A 118 33.43 -4.78 -24.15
CA ILE A 118 33.52 -3.85 -23.03
C ILE A 118 32.66 -2.63 -23.32
N GLN A 119 31.53 -2.51 -22.62
CA GLN A 119 30.64 -1.37 -22.77
C GLN A 119 30.27 -0.83 -21.41
N THR A 120 29.83 0.42 -21.37
CA THR A 120 29.34 1.00 -20.13
C THR A 120 27.84 0.75 -19.99
N ILE A 121 27.39 0.49 -18.78
CA ILE A 121 25.97 0.32 -18.52
C ILE A 121 25.39 1.64 -18.05
N ALA A 122 24.12 1.88 -18.39
CA ALA A 122 23.48 3.15 -18.08
C ALA A 122 23.19 3.28 -16.60
N LEU A 123 23.29 4.51 -16.10
CA LEU A 123 22.91 4.82 -14.73
C LEU A 123 21.41 5.10 -14.68
N PRO A 124 20.80 4.94 -13.51
CA PRO A 124 19.36 5.23 -13.39
C PRO A 124 19.05 6.66 -13.80
N PRO A 125 17.96 6.85 -14.55
CA PRO A 125 17.53 8.21 -14.82
C PRO A 125 17.11 8.84 -13.52
N ARG A 126 17.33 10.14 -13.39
CA ARG A 126 16.91 10.85 -12.22
C ARG A 126 15.41 10.71 -11.99
N PHE A 127 14.66 10.72 -13.09
CA PHE A 127 13.22 10.50 -13.03
C PHE A 127 12.74 9.74 -14.26
N THR A 128 11.78 8.84 -14.04
CA THR A 128 11.12 8.12 -15.12
C THR A 128 9.74 7.70 -14.66
N ASP A 129 8.90 7.28 -15.60
CA ASP A 129 7.52 6.94 -15.29
C ASP A 129 7.41 5.68 -14.43
N ALA A 130 8.30 4.73 -14.65
CA ALA A 130 8.33 3.51 -13.85
C ALA A 130 9.72 3.30 -13.22
N PRO A 131 9.97 3.96 -12.08
CA PRO A 131 11.27 3.99 -11.41
C PRO A 131 11.83 2.62 -11.04
N PHE A 132 10.95 1.66 -10.81
CA PHE A 132 11.36 0.33 -10.36
C PHE A 132 11.89 -0.53 -11.51
N GLY A 133 11.44 -0.22 -12.73
CA GLY A 133 11.94 -0.91 -13.91
C GLY A 133 11.28 -2.24 -14.18
N SER A 134 11.87 -2.99 -15.12
CA SER A 134 11.32 -4.28 -15.52
C SER A 134 12.40 -5.35 -15.63
N ASP A 135 12.02 -6.59 -15.30
CA ASP A 135 12.90 -7.75 -15.42
C ASP A 135 14.22 -7.57 -14.67
N CYS A 136 14.13 -7.10 -13.43
CA CYS A 136 15.32 -6.87 -12.62
C CYS A 136 16.04 -8.17 -12.29
N GLU A 137 17.36 -8.15 -12.37
CA GLU A 137 18.18 -9.32 -12.10
C GLU A 137 19.34 -9.00 -11.16
N ILE A 138 19.57 -9.87 -10.19
CA ILE A 138 20.70 -9.73 -9.28
C ILE A 138 21.83 -10.67 -9.67
N THR A 139 23.06 -10.27 -9.36
CA THR A 139 24.21 -11.12 -9.55
C THR A 139 24.55 -11.82 -8.24
N GLY A 140 25.00 -13.07 -8.29
CA GLY A 140 25.40 -13.74 -7.07
C GLY A 140 25.62 -15.23 -7.24
N PHE A 141 26.04 -15.91 -6.17
CA PHE A 141 26.29 -17.34 -6.27
C PHE A 141 25.07 -18.19 -5.96
N GLY A 142 25.25 -19.50 -6.10
CA GLY A 142 24.23 -20.46 -5.73
C GLY A 142 24.76 -21.40 -4.66
N LEU A 150 32.80 -19.14 -5.23
CA LEU A 150 34.01 -18.41 -4.86
C LEU A 150 34.75 -17.77 -6.02
N TYR A 151 34.49 -18.24 -7.23
CA TYR A 151 35.27 -17.80 -8.37
C TYR A 151 34.39 -17.25 -9.47
N PRO A 152 34.92 -16.34 -10.31
CA PRO A 152 34.06 -15.82 -11.37
C PRO A 152 33.51 -17.00 -12.17
N LYS A 153 32.23 -16.90 -12.56
CA LYS A 153 31.48 -17.86 -13.37
C LYS A 153 30.77 -18.97 -12.56
N ASN A 154 30.56 -18.72 -11.27
CA ASN A 154 29.66 -19.53 -10.46
C ASN A 154 28.56 -18.53 -10.16
N LEU A 155 28.62 -17.46 -10.94
CA LEU A 155 27.73 -16.33 -10.81
C LEU A 155 26.49 -16.47 -11.67
N LYS A 156 25.36 -16.60 -10.98
CA LYS A 156 24.08 -16.60 -11.63
C LYS A 156 23.51 -15.20 -11.59
N MET A 157 22.68 -14.90 -12.57
CA MET A 157 21.86 -13.71 -12.56
C MET A 157 20.41 -14.13 -12.36
N SER A 158 19.92 -13.92 -11.14
CA SER A 158 18.58 -14.35 -10.78
C SER A 158 17.57 -13.22 -10.95
N VAL A 159 16.47 -13.50 -11.64
CA VAL A 159 15.44 -12.50 -11.82
C VAL A 159 14.80 -12.21 -10.46
N VAL A 160 14.61 -10.93 -10.15
CA VAL A 160 14.03 -10.55 -8.85
C VAL A 160 12.89 -9.56 -9.00
N LYS A 161 12.25 -9.27 -7.88
CA LYS A 161 11.17 -8.30 -7.82
C LYS A 161 11.51 -7.21 -6.81
N LEU A 162 11.91 -6.05 -7.32
CA LEU A 162 12.12 -4.90 -6.44
C LEU A 162 10.78 -4.50 -5.87
N VAL A 163 10.75 -4.09 -4.61
CA VAL A 163 9.51 -3.68 -3.98
C VAL A 163 9.74 -2.45 -3.11
N SER A 164 8.66 -1.76 -2.81
CA SER A 164 8.70 -0.66 -1.88
C SER A 164 8.69 -1.18 -0.44
N HIS A 165 9.06 -0.34 0.52
CA HIS A 165 9.22 -0.76 1.91
C HIS A 165 7.91 -1.23 2.57
N GLU A 166 6.80 -0.98 1.91
CA GLU A 166 5.45 -1.29 2.38
C GLU A 166 5.02 -2.72 2.04
N GLN A 167 5.62 -3.29 1.01
CA GLN A 167 5.36 -4.63 0.60
C GLN A 167 6.41 -5.51 1.24
N CYS A 168 7.33 -4.97 2.07
CA CYS A 168 8.35 -5.78 2.77
C CYS A 168 7.69 -5.95 4.12
N MET A 169 8.29 -6.72 5.06
CA MET A 169 7.70 -6.95 6.37
C MET A 169 6.27 -7.42 6.29
N GLN A 170 5.71 -7.60 5.12
CA GLN A 170 4.34 -8.06 5.16
C GLN A 170 3.85 -8.26 3.78
N PRO A 171 4.61 -9.00 3.00
CA PRO A 171 4.11 -9.19 1.62
C PRO A 171 2.85 -10.04 1.59
N HIS A 172 2.53 -10.69 2.69
CA HIS A 172 1.35 -11.53 2.79
C HIS A 172 0.08 -10.70 2.78
N TYR A 173 0.23 -9.38 2.92
CA TYR A 173 -0.90 -8.47 2.93
C TYR A 173 -1.02 -7.73 1.60
N TYR A 174 -0.23 -8.14 0.62
CA TYR A 174 -0.26 -7.52 -0.69
C TYR A 174 -0.48 -8.48 -1.86
N GLY A 175 -0.14 -9.75 -1.67
CA GLY A 175 -0.31 -10.70 -2.74
C GLY A 175 0.13 -12.12 -2.47
N SER A 176 -0.15 -12.99 -3.42
CA SER A 176 0.22 -14.39 -3.32
C SER A 176 1.74 -14.55 -3.39
N GLU A 177 2.25 -15.64 -2.82
CA GLU A 177 3.69 -15.88 -2.80
C GLU A 177 4.14 -16.53 -4.10
N ILE A 178 5.16 -15.96 -4.72
CA ILE A 178 5.76 -16.53 -5.91
C ILE A 178 7.20 -16.95 -5.61
N ASN A 179 7.83 -17.65 -6.54
CA ASN A 179 9.17 -18.16 -6.31
C ASN A 179 10.26 -17.19 -6.77
N TYR A 180 9.99 -15.90 -6.61
CA TYR A 180 10.98 -14.86 -6.88
C TYR A 180 11.36 -14.20 -5.56
N LYS A 181 12.56 -13.66 -5.48
CA LYS A 181 12.98 -12.95 -4.27
C LYS A 181 12.61 -11.48 -4.34
N MET A 182 12.06 -10.97 -3.25
CA MET A 182 11.73 -9.56 -3.14
C MET A 182 12.90 -8.80 -2.52
N LEU A 183 13.11 -7.57 -2.96
CA LEU A 183 14.20 -6.75 -2.46
C LEU A 183 13.72 -5.34 -2.17
N CYS A 184 14.16 -4.80 -1.04
CA CYS A 184 13.81 -3.44 -0.65
C CYS A 184 15.01 -2.52 -0.71
N ALA A 185 14.78 -1.25 -1.01
CA ALA A 185 15.85 -0.26 -0.97
C ALA A 185 16.33 -0.11 0.46
N ALA A 186 17.64 -0.04 0.65
CA ALA A 186 18.21 0.08 1.99
C ALA A 186 17.76 1.37 2.68
N ASP A 187 17.31 1.22 3.93
CA ASP A 187 16.84 2.37 4.72
C ASP A 187 16.97 2.06 6.21
N PRO A 188 17.71 2.90 6.94
CA PRO A 188 17.91 2.74 8.39
C PRO A 188 16.63 2.84 9.24
N GLU A 189 15.63 3.57 8.76
CA GLU A 189 14.38 3.73 9.52
C GLU A 189 13.48 2.50 9.49
N TRP A 190 13.52 1.75 8.39
CA TRP A 190 12.72 0.55 8.25
C TRP A 190 13.61 -0.68 8.41
N LYS A 191 13.28 -1.55 9.36
CA LYS A 191 14.14 -2.68 9.65
C LYS A 191 14.14 -3.63 8.47
N THR A 192 15.35 -3.93 8.01
CA THR A 192 15.58 -4.69 6.80
C THR A 192 15.76 -6.20 6.95
N ASP A 193 16.77 -6.58 7.72
CA ASP A 193 17.14 -7.98 7.92
C ASP A 193 17.43 -8.63 6.57
N SER A 194 18.67 -8.44 6.10
CA SER A 194 19.14 -9.01 4.86
C SER A 194 20.51 -9.60 5.12
N CYS A 195 20.91 -10.58 4.32
CA CYS A 195 22.22 -11.19 4.51
C CYS A 195 23.31 -10.14 4.30
N LYS A 196 24.32 -10.20 5.16
CA LYS A 196 25.47 -9.32 5.04
C LYS A 196 26.69 -10.13 4.66
N GLY A 197 26.77 -10.48 3.39
CA GLY A 197 27.86 -11.30 2.90
C GLY A 197 29.16 -10.53 2.82
N ASP A 198 30.26 -11.27 2.66
CA ASP A 198 31.58 -10.65 2.56
C ASP A 198 31.83 -10.13 1.15
N SER A 199 30.99 -10.55 0.21
CA SER A 199 31.15 -10.10 -1.17
C SER A 199 29.97 -9.22 -1.59
N GLY A 200 29.90 -8.90 -2.88
CA GLY A 200 28.84 -8.04 -3.40
C GLY A 200 28.89 -7.88 -4.91
N GLY A 201 27.85 -7.27 -5.47
CA GLY A 201 27.77 -7.07 -6.90
C GLY A 201 26.60 -6.20 -7.34
N PRO A 202 26.45 -6.04 -8.66
CA PRO A 202 25.43 -5.17 -9.27
C PRO A 202 24.03 -5.78 -9.33
N LEU A 203 23.03 -4.91 -9.23
CA LEU A 203 21.64 -5.27 -9.49
C LEU A 203 21.18 -4.51 -10.73
N ILE A 204 20.81 -5.25 -11.77
CA ILE A 204 20.48 -4.64 -13.06
C ILE A 204 18.98 -4.69 -13.36
N CYS A 205 18.43 -3.57 -13.80
CA CYS A 205 17.04 -3.50 -14.23
C CYS A 205 16.93 -2.90 -15.63
N ASN A 206 15.81 -3.16 -16.30
CA ASN A 206 15.54 -2.55 -17.59
C ASN A 206 14.67 -1.31 -17.42
N ILE A 207 15.32 -0.15 -17.38
CA ILE A 207 14.63 1.12 -17.30
C ILE A 207 14.54 1.72 -18.68
N GLU A 208 13.33 2.03 -19.12
CA GLU A 208 13.13 2.63 -20.43
C GLU A 208 13.70 1.79 -21.57
N GLY A 209 13.71 0.47 -21.38
CA GLY A 209 14.17 -0.47 -22.39
C GLY A 209 15.67 -0.58 -22.50
N ARG A 210 16.40 -0.19 -21.47
CA ARG A 210 17.84 -0.33 -21.47
C ARG A 210 18.35 -0.82 -20.11
N PRO A 211 19.28 -1.80 -20.14
CA PRO A 211 19.93 -2.31 -18.92
C PRO A 211 20.54 -1.19 -18.11
N THR A 212 20.24 -1.19 -16.81
CA THR A 212 20.62 -0.09 -15.94
C THR A 212 21.16 -0.59 -14.61
N LEU A 213 22.24 0.01 -14.13
CA LEU A 213 22.73 -0.28 -12.80
C LEU A 213 21.78 0.30 -11.77
N SER A 214 20.82 -0.50 -11.34
CA SER A 214 19.77 -0.02 -10.44
C SER A 214 20.12 -0.19 -8.98
N GLY A 215 20.83 -1.27 -8.64
CA GLY A 215 21.13 -1.54 -7.25
C GLY A 215 22.51 -2.09 -6.96
N ILE A 216 22.82 -2.19 -5.66
CA ILE A 216 24.04 -2.82 -5.18
C ILE A 216 23.70 -3.87 -4.13
N VAL A 217 23.91 -5.13 -4.46
CA VAL A 217 23.59 -6.23 -3.54
C VAL A 217 24.86 -6.84 -2.95
N SER A 218 24.69 -7.69 -1.95
CA SER A 218 25.81 -8.39 -1.33
C SER A 218 25.80 -9.87 -1.67
N TRP A 219 26.99 -10.45 -1.80
CA TRP A 219 27.13 -11.88 -2.07
C TRP A 219 27.62 -12.62 -0.83
N GLY A 220 26.96 -13.74 -0.53
CA GLY A 220 27.33 -14.58 0.60
C GLY A 220 26.33 -15.68 0.85
N ARG A 221 26.18 -16.08 2.11
CA ARG A 221 25.22 -17.11 2.48
C ARG A 221 23.91 -16.47 2.92
N GLY A 222 22.81 -16.93 2.33
CA GLY A 222 21.51 -16.33 2.59
C GLY A 222 21.21 -15.21 1.61
N CYS A 223 22.02 -15.12 0.56
CA CYS A 223 21.90 -14.05 -0.42
C CYS A 223 21.27 -14.51 -1.73
N ALA A 224 21.00 -15.81 -1.84
CA ALA A 224 20.40 -16.42 -3.03
C ALA A 224 19.08 -17.13 -2.71
N GLU A 225 18.55 -16.85 -1.53
CA GLU A 225 17.36 -17.47 -0.95
C GLU A 225 16.06 -16.72 -1.35
N LYS A 226 14.93 -17.39 -1.59
CA LYS A 226 13.74 -16.68 -2.15
C LYS A 226 12.59 -16.26 -1.17
N ASN A 227 12.47 -16.92 -0.02
CA ASN A 227 11.34 -16.77 0.92
C ASN A 227 11.37 -15.58 1.88
N LYS A 228 12.56 -15.15 2.28
CA LYS A 228 12.71 -13.95 3.09
C LYS A 228 13.25 -12.84 2.21
N PRO A 229 12.62 -11.66 2.29
CA PRO A 229 13.02 -10.52 1.46
C PRO A 229 14.42 -10.00 1.78
N GLY A 230 15.08 -9.45 0.75
CA GLY A 230 16.41 -8.91 0.91
C GLY A 230 16.50 -7.41 0.72
N VAL A 231 17.72 -6.90 0.67
CA VAL A 231 17.93 -5.46 0.60
C VAL A 231 19.08 -5.09 -0.33
N TYR A 232 18.84 -4.10 -1.17
CA TYR A 232 19.83 -3.58 -2.11
C TYR A 232 20.05 -2.10 -1.89
N THR A 233 21.28 -1.65 -2.08
CA THR A 233 21.58 -0.22 -2.07
C THR A 233 21.11 0.38 -3.39
N ARG A 234 20.14 1.27 -3.32
CA ARG A 234 19.54 1.83 -4.53
C ARG A 234 20.40 2.92 -5.15
N VAL A 235 20.93 2.62 -6.34
CA VAL A 235 21.87 3.51 -7.02
C VAL A 235 21.26 4.87 -7.34
N SER A 236 19.97 4.89 -7.63
CA SER A 236 19.28 6.13 -8.01
C SER A 236 19.34 7.19 -6.91
N HIS A 237 19.54 6.76 -5.68
CA HIS A 237 19.61 7.68 -4.54
C HIS A 237 21.00 8.28 -4.36
N PHE A 238 21.92 7.96 -5.28
CA PHE A 238 23.30 8.39 -5.12
C PHE A 238 23.84 9.11 -6.36
N LEU A 239 22.95 9.30 -7.34
CA LEU A 239 23.28 9.95 -8.61
C LEU A 239 24.20 11.16 -8.44
N ASP A 240 23.68 12.18 -7.74
CA ASP A 240 24.44 13.38 -7.42
C ASP A 240 25.85 13.02 -6.98
N TRP A 241 25.94 12.24 -5.90
CA TRP A 241 27.22 11.82 -5.35
C TRP A 241 28.09 11.25 -6.45
N ILE A 242 27.55 10.28 -7.19
CA ILE A 242 28.29 9.64 -8.26
C ILE A 242 28.83 10.69 -9.22
N GLN A 243 27.94 11.54 -9.72
CA GLN A 243 28.34 12.51 -10.73
C GLN A 243 29.28 13.55 -10.13
N SER A 244 29.20 13.74 -8.81
CA SER A 244 30.10 14.68 -8.14
C SER A 244 31.53 14.16 -8.14
N HIS A 245 31.71 12.89 -8.50
CA HIS A 245 33.04 12.29 -8.58
C HIS A 245 33.43 11.85 -10.00
N ILE A 246 32.50 11.91 -10.94
CA ILE A 246 32.77 11.42 -12.29
C ILE A 246 32.98 12.56 -13.29
N GLY A 247 32.10 13.56 -13.22
CA GLY A 247 32.07 14.65 -14.17
C GLY A 247 33.42 15.29 -14.51
N GLU B 10 5.44 28.50 18.72
CA GLU B 10 5.32 29.58 17.76
C GLU B 10 6.14 30.76 18.26
N ASN B 11 6.85 30.57 19.37
CA ASN B 11 7.71 31.63 19.87
C ASN B 11 9.19 31.31 19.65
N GLN B 12 9.57 30.05 19.43
CA GLN B 12 9.22 28.85 20.18
C GLN B 12 10.58 28.45 20.76
N PRO B 13 10.63 27.74 21.91
CA PRO B 13 11.97 27.49 22.47
C PRO B 13 13.02 27.00 21.46
N TRP B 14 12.57 26.29 20.43
CA TRP B 14 13.44 25.82 19.36
C TRP B 14 13.35 26.66 18.08
N PHE B 15 12.30 27.48 17.98
CA PHE B 15 12.06 28.26 16.77
C PHE B 15 13.02 29.41 16.61
N ALA B 16 13.56 29.54 15.40
CA ALA B 16 14.46 30.63 15.06
C ALA B 16 13.88 31.47 13.95
N ALA B 17 13.80 32.78 14.17
CA ALA B 17 13.26 33.69 13.17
C ALA B 17 14.39 34.28 12.34
N ILE B 18 14.60 33.73 11.15
CA ILE B 18 15.64 34.23 10.26
C ILE B 18 15.16 35.44 9.47
N TYR B 19 15.91 36.52 9.59
CA TYR B 19 15.63 37.75 8.85
C TYR B 19 16.74 38.01 7.84
N GLN B 20 16.37 38.71 6.78
CA GLN B 20 17.28 39.10 5.75
C GLN B 20 17.53 40.57 5.92
N LYS B 21 18.78 40.97 6.07
CA LYS B 21 19.10 42.38 6.24
C LYS B 21 18.58 43.13 5.07
N ASN B 22 18.68 44.45 5.08
CA ASN B 22 18.19 45.22 3.95
C ASN B 22 19.05 46.42 3.57
N LYS B 23 19.08 46.75 2.29
CA LYS B 23 19.90 47.87 1.86
C LYS B 23 19.41 49.12 2.52
N GLY B 24 20.31 50.07 2.66
CA GLY B 24 19.97 51.33 3.27
C GLY B 24 19.83 51.13 4.75
N GLY B 25 18.87 51.83 5.32
CA GLY B 25 18.64 51.74 6.74
C GLY B 25 17.30 51.14 7.03
N SER B 26 16.64 50.60 6.03
CA SER B 26 15.35 50.00 6.25
C SER B 26 15.61 48.86 7.21
N PRO B 27 14.56 48.53 8.04
CA PRO B 27 14.86 47.43 8.97
C PRO B 27 14.95 46.14 8.22
N PRO B 28 15.39 45.01 8.90
CA PRO B 28 15.44 43.80 8.09
C PRO B 28 14.07 43.18 7.93
N SER B 29 13.88 42.39 6.87
CA SER B 29 12.61 41.74 6.60
C SER B 29 12.65 40.30 6.99
N PHE B 30 11.48 39.71 7.21
CA PHE B 30 11.43 38.31 7.63
C PHE B 30 11.68 37.44 6.40
N LYS B 31 12.44 36.36 6.55
CA LYS B 31 12.70 35.51 5.38
C LYS B 31 12.03 34.16 5.58
N CYS B 32 12.74 33.24 6.23
CA CYS B 32 12.17 31.91 6.49
C CYS B 32 12.48 31.49 7.93
N GLY B 33 11.73 30.53 8.43
CA GLY B 33 11.92 30.04 9.79
C GLY B 33 12.79 28.81 9.89
N GLY B 34 13.32 28.59 11.09
CA GLY B 34 14.24 27.49 11.33
C GLY B 34 14.10 26.93 12.73
N SER B 35 14.81 25.84 13.00
CA SER B 35 14.76 25.20 14.31
C SER B 35 16.16 25.11 14.92
N LEU B 36 16.25 25.44 16.21
CA LEU B 36 17.50 25.33 16.94
C LEU B 36 17.75 23.88 17.27
N ILE B 37 18.63 23.22 16.50
CA ILE B 37 18.92 21.81 16.71
C ILE B 37 20.14 21.67 17.61
N SER B 38 20.93 22.72 17.69
CA SER B 38 22.12 22.71 18.53
C SER B 38 22.33 24.12 19.09
N PRO B 39 22.96 24.22 20.28
CA PRO B 39 23.28 25.53 20.88
C PRO B 39 23.97 26.49 19.92
N CYS B 40 24.69 25.95 18.94
CA CYS B 40 25.39 26.78 17.96
C CYS B 40 24.88 26.54 16.54
N TRP B 41 23.79 25.81 16.40
CA TRP B 41 23.29 25.45 15.08
C TRP B 41 21.77 25.50 14.94
N VAL B 42 21.33 26.17 13.87
CA VAL B 42 19.93 26.28 13.49
C VAL B 42 19.70 25.67 12.11
N ALA B 43 18.71 24.79 11.99
CA ALA B 43 18.41 24.17 10.70
C ALA B 43 17.24 24.86 10.02
N SER B 44 17.36 25.11 8.72
CA SER B 44 16.31 25.79 7.97
C SER B 44 16.25 25.33 6.52
N ALA B 45 15.49 26.04 5.68
CA ALA B 45 15.34 25.68 4.28
C ALA B 45 16.43 26.32 3.42
N ALA B 46 17.06 25.51 2.57
CA ALA B 46 18.15 25.99 1.74
C ALA B 46 17.66 26.95 0.65
N HIS B 47 16.41 26.79 0.23
CA HIS B 47 15.88 27.61 -0.86
C HIS B 47 15.61 29.05 -0.40
N CYS B 48 15.79 29.31 0.89
CA CYS B 48 15.57 30.66 1.43
C CYS B 48 16.82 31.49 1.29
N PHE B 49 17.92 30.84 0.90
CA PHE B 49 19.20 31.51 0.85
C PHE B 49 19.89 31.38 -0.50
N ILE B 50 19.31 30.59 -1.39
CA ILE B 50 20.01 30.19 -2.61
C ILE B 50 20.29 31.36 -3.58
N GLN B 51 19.50 32.42 -3.52
CA GLN B 51 19.72 33.56 -4.42
C GLN B 51 20.54 34.66 -3.76
N LEU B 52 20.72 34.57 -2.45
CA LEU B 52 21.68 35.42 -1.75
C LEU B 52 22.42 34.55 -0.75
N PRO B 53 23.37 33.74 -1.25
CA PRO B 53 23.98 32.64 -0.51
C PRO B 53 25.03 33.05 0.50
N LYS B 54 25.18 34.35 0.78
CA LYS B 54 26.24 34.73 1.69
C LYS B 54 25.68 35.14 3.06
N LYS B 55 26.41 34.73 4.09
CA LYS B 55 26.00 34.86 5.48
C LYS B 55 25.74 36.28 5.98
N GLU B 56 26.46 37.27 5.43
CA GLU B 56 26.41 38.62 5.97
C GLU B 56 25.05 39.29 5.74
N ASN B 57 24.19 38.64 4.95
CA ASN B 57 22.88 39.19 4.62
C ASN B 57 21.77 38.72 5.56
N TYR B 58 22.11 37.96 6.59
CA TYR B 58 21.09 37.34 7.43
C TYR B 58 21.37 37.46 8.92
N VAL B 59 20.28 37.56 9.70
CA VAL B 59 20.35 37.63 11.16
C VAL B 59 19.22 36.80 11.76
N VAL B 60 19.55 35.83 12.60
CA VAL B 60 18.52 35.00 13.21
C VAL B 60 18.17 35.53 14.60
N TYR B 61 16.93 35.30 15.01
CA TYR B 61 16.45 35.75 16.31
C TYR B 61 15.84 34.60 17.13
N LEU B 62 16.14 34.57 18.42
CA LEU B 62 15.63 33.52 19.31
C LEU B 62 14.89 34.12 20.52
N GLY B 63 14.07 33.29 21.18
CA GLY B 63 13.38 33.70 22.39
C GLY B 63 12.00 34.31 22.22
N GLN B 64 11.65 35.21 23.13
CA GLN B 64 10.32 35.84 23.11
C GLN B 64 10.16 36.81 21.95
N PRO B 72 13.13 42.05 17.13
CA PRO B 72 12.46 41.21 18.13
C PRO B 72 13.38 40.24 18.81
N GLY B 73 12.84 39.38 19.68
CA GLY B 73 13.58 38.27 20.22
C GLY B 73 14.47 38.49 21.44
N GLU B 74 14.45 37.50 22.34
CA GLU B 74 15.23 37.51 23.57
C GLU B 74 16.72 37.56 23.24
N MET B 75 17.11 36.94 22.12
CA MET B 75 18.50 36.86 21.72
C MET B 75 18.71 37.11 20.22
N LYS B 76 19.74 37.88 19.89
CA LYS B 76 20.05 38.23 18.50
C LYS B 76 21.36 37.59 18.04
N PHE B 77 21.30 36.84 16.93
CA PHE B 77 22.49 36.16 16.42
C PHE B 77 22.81 36.46 14.96
N GLU B 78 24.11 36.52 14.67
CA GLU B 78 24.59 36.55 13.30
C GLU B 78 25.10 35.16 12.96
N VAL B 79 24.96 34.78 11.69
CA VAL B 79 25.33 33.44 11.25
C VAL B 79 26.81 33.43 10.84
N GLU B 80 27.63 32.89 11.73
CA GLU B 80 29.06 32.72 11.49
C GLU B 80 29.32 31.91 10.23
N GLN B 81 28.43 30.96 9.96
CA GLN B 81 28.56 30.13 8.78
C GLN B 81 27.18 29.79 8.20
N LEU B 82 27.09 29.83 6.87
CA LEU B 82 25.85 29.51 6.18
C LEU B 82 26.09 28.32 5.25
N ILE B 83 25.58 27.17 5.64
CA ILE B 83 25.82 25.93 4.91
C ILE B 83 24.58 25.45 4.17
N LEU B 84 24.58 25.57 2.85
CA LEU B 84 23.53 25.01 2.02
C LEU B 84 23.96 23.63 1.55
N HIS B 85 23.03 22.68 1.50
CA HIS B 85 23.32 21.33 1.06
C HIS B 85 23.88 21.35 -0.37
N GLU B 86 25.02 20.69 -0.56
CA GLU B 86 25.73 20.73 -1.84
C GLU B 86 24.91 20.16 -2.99
N TYR B 87 23.95 19.29 -2.65
CA TYR B 87 23.11 18.67 -3.67
C TYR B 87 21.74 19.33 -3.73
N TYR B 88 21.63 20.54 -3.19
CA TYR B 88 20.39 21.30 -3.32
C TYR B 88 20.12 21.55 -4.79
N ARG B 89 18.85 21.43 -5.16
CA ARG B 89 18.42 21.56 -6.54
C ARG B 89 16.95 21.93 -6.60
N GLU B 90 16.58 22.86 -7.47
CA GLU B 90 15.19 23.16 -7.70
C GLU B 90 14.76 22.80 -9.12
N ASP B 91 14.02 21.70 -9.27
CA ASP B 91 13.38 21.42 -10.55
C ASP B 91 12.04 22.13 -10.63
N SER B 92 11.40 22.06 -11.78
CA SER B 92 10.13 22.75 -12.03
C SER B 92 9.01 22.26 -11.11
N LEU B 93 9.36 21.35 -10.20
CA LEU B 93 8.44 20.69 -9.26
C LEU B 93 8.48 21.00 -7.78
N ALA B 94 9.65 20.80 -7.20
CA ALA B 94 9.78 20.92 -5.78
C ALA B 94 11.20 21.23 -5.43
N TYR B 95 11.44 21.45 -4.15
CA TYR B 95 12.79 21.63 -3.67
C TYR B 95 13.34 20.30 -3.16
N HIS B 96 14.39 19.82 -3.80
CA HIS B 96 15.01 18.58 -3.37
C HIS B 96 16.35 18.84 -2.71
N ASN B 97 16.58 18.11 -1.61
CA ASN B 97 17.68 18.35 -0.69
C ASN B 97 17.60 19.78 -0.15
N ASP B 98 16.38 20.21 0.14
CA ASP B 98 16.12 21.57 0.61
C ASP B 98 16.40 21.72 2.09
N ILE B 99 17.69 21.77 2.45
CA ILE B 99 18.09 21.88 3.84
C ILE B 99 19.34 22.73 3.97
N ALA B 100 19.40 23.53 5.03
CA ALA B 100 20.50 24.46 5.25
C ALA B 100 20.86 24.56 6.73
N LEU B 101 22.14 24.72 7.01
CA LEU B 101 22.62 24.86 8.38
C LEU B 101 23.21 26.24 8.64
N LEU B 102 22.75 26.84 9.74
CA LEU B 102 23.21 28.16 10.17
C LEU B 102 23.94 28.03 11.50
N LYS B 103 25.26 28.22 11.49
CA LYS B 103 25.99 28.31 12.74
C LYS B 103 25.78 29.69 13.33
N ILE B 104 25.07 29.79 14.44
CA ILE B 104 24.75 31.11 14.98
C ILE B 104 25.71 31.51 16.09
N ARG B 105 25.87 32.82 16.26
CA ARG B 105 26.69 33.36 17.34
C ARG B 105 26.43 34.85 17.54
N THR B 106 26.61 35.32 18.77
CA THR B 106 26.45 36.73 19.09
C THR B 106 27.78 37.45 18.91
N SER B 107 27.75 38.76 19.09
CA SER B 107 28.95 39.59 18.99
C SER B 107 29.94 39.28 20.13
N THR B 108 29.43 38.83 21.27
CA THR B 108 30.30 38.50 22.39
C THR B 108 31.08 37.22 22.11
N GLY B 109 30.67 36.52 21.05
CA GLY B 109 31.39 35.39 20.52
C GLY B 109 30.89 34.02 20.98
N GLN B 110 29.87 34.04 21.84
CA GLN B 110 29.27 32.82 22.36
C GLN B 110 28.01 32.46 21.56
N CYS B 111 27.66 31.17 21.53
CA CYS B 111 26.42 30.71 20.91
C CYS B 111 25.23 30.80 21.87
N ALA B 112 24.07 30.38 21.39
CA ALA B 112 22.83 30.44 22.17
C ALA B 112 22.90 29.66 23.49
N GLN B 113 22.40 30.27 24.56
CA GLN B 113 22.45 29.67 25.89
C GLN B 113 21.06 29.22 26.33
N PRO B 114 20.89 27.91 26.58
CA PRO B 114 19.64 27.29 27.02
C PRO B 114 18.92 28.04 28.15
N SER B 115 17.59 28.10 28.06
CA SER B 115 16.75 28.72 29.08
C SER B 115 15.34 28.17 28.98
N ARG B 116 14.41 28.79 29.70
CA ARG B 116 13.02 28.34 29.66
C ARG B 116 12.27 28.96 28.49
N SER B 117 13.01 29.73 27.70
CA SER B 117 12.49 30.31 26.48
C SER B 117 13.41 29.97 25.30
N ILE B 118 14.53 29.31 25.62
CA ILE B 118 15.49 28.88 24.60
C ILE B 118 15.86 27.42 24.79
N GLN B 119 15.36 26.56 23.92
CA GLN B 119 15.71 25.14 23.92
C GLN B 119 16.04 24.58 22.56
N THR B 120 16.78 23.47 22.56
CA THR B 120 17.04 22.76 21.33
C THR B 120 15.96 21.71 21.15
N ILE B 121 15.53 21.50 19.91
CA ILE B 121 14.56 20.45 19.62
C ILE B 121 15.31 19.21 19.16
N ALA B 122 14.76 18.04 19.48
CA ALA B 122 15.43 16.79 19.18
C ALA B 122 15.43 16.50 17.69
N LEU B 123 16.51 15.91 17.19
CA LEU B 123 16.57 15.45 15.82
C LEU B 123 15.96 14.07 15.73
N PRO B 124 15.50 13.67 14.53
CA PRO B 124 14.92 12.34 14.35
C PRO B 124 15.88 11.23 14.75
N PRO B 125 15.38 10.20 15.45
CA PRO B 125 16.23 9.04 15.72
C PRO B 125 16.59 8.37 14.41
N ARG B 126 17.79 7.81 14.34
CA ARG B 126 18.22 7.09 13.14
C ARG B 126 17.29 5.91 12.88
N PHE B 127 16.79 5.29 13.95
CA PHE B 127 15.75 4.28 13.82
C PHE B 127 14.75 4.33 14.99
N THR B 128 13.49 4.09 14.68
CA THR B 128 12.45 3.95 15.70
C THR B 128 11.31 3.09 15.15
N ASP B 129 10.44 2.61 16.03
CA ASP B 129 9.36 1.71 15.63
C ASP B 129 8.31 2.38 14.76
N ALA B 130 8.04 3.66 15.02
CA ALA B 130 7.10 4.42 14.21
C ALA B 130 7.77 5.67 13.66
N PRO B 131 8.49 5.52 12.54
CA PRO B 131 9.32 6.56 11.94
C PRO B 131 8.53 7.82 11.55
N PHE B 132 7.25 7.66 11.26
CA PHE B 132 6.43 8.78 10.82
C PHE B 132 5.98 9.67 11.96
N GLY B 133 5.91 9.12 13.17
CA GLY B 133 5.59 9.89 14.35
C GLY B 133 4.11 10.15 14.59
N SER B 134 3.82 11.04 15.52
CA SER B 134 2.44 11.36 15.89
C SER B 134 2.21 12.86 16.03
N ASP B 135 1.00 13.29 15.69
CA ASP B 135 0.59 14.69 15.83
C ASP B 135 1.52 15.66 15.13
N CYS B 136 1.89 15.33 13.89
CA CYS B 136 2.80 16.17 13.12
C CYS B 136 2.16 17.52 12.79
N GLU B 137 2.95 18.58 12.92
CA GLU B 137 2.47 19.93 12.66
C GLU B 137 3.44 20.69 11.75
N ILE B 138 2.89 21.39 10.77
CA ILE B 138 3.70 22.25 9.90
C ILE B 138 3.57 23.70 10.34
N THR B 139 4.61 24.48 10.07
CA THR B 139 4.56 25.92 10.32
C THR B 139 4.16 26.63 9.04
N GLY B 140 3.40 27.72 9.17
CA GLY B 140 3.05 28.48 7.98
C GLY B 140 1.97 29.52 8.19
N PHE B 141 1.65 30.24 7.14
CA PHE B 141 0.64 31.29 7.21
C PHE B 141 -0.74 30.74 6.89
N GLY B 142 -1.73 31.63 6.93
CA GLY B 142 -3.07 31.29 6.51
C GLY B 142 -3.15 31.85 5.11
N LEU B 150 3.86 38.00 6.25
CA LEU B 150 5.21 38.53 6.11
C LEU B 150 5.85 38.63 7.45
N TYR B 151 5.02 38.64 8.49
CA TYR B 151 5.50 38.74 9.87
C TYR B 151 4.70 37.85 10.81
N PRO B 152 5.16 37.75 12.05
CA PRO B 152 4.51 36.91 13.06
C PRO B 152 3.02 37.20 13.21
N LYS B 153 2.42 36.66 14.27
CA LYS B 153 1.00 36.85 14.53
C LYS B 153 0.16 36.27 13.40
N ASN B 154 0.67 35.22 12.76
CA ASN B 154 -0.04 34.59 11.66
C ASN B 154 0.57 33.27 11.19
N LEU B 155 1.75 32.94 11.69
CA LEU B 155 2.41 31.70 11.29
C LEU B 155 1.97 30.53 12.16
N LYS B 156 0.71 30.13 12.02
CA LYS B 156 0.17 29.02 12.80
C LYS B 156 0.82 27.68 12.47
N MET B 157 0.69 26.77 13.42
CA MET B 157 1.13 25.39 13.27
C MET B 157 -0.06 24.48 13.02
N SER B 158 -0.21 24.07 11.75
CA SER B 158 -1.35 23.27 11.34
C SER B 158 -1.02 21.79 11.38
N VAL B 159 -1.89 21.01 12.00
CA VAL B 159 -1.70 19.57 12.11
C VAL B 159 -1.81 18.93 10.72
N VAL B 160 -0.88 18.03 10.41
CA VAL B 160 -0.86 17.37 9.11
C VAL B 160 -0.74 15.85 9.26
N LYS B 161 -0.84 15.16 8.13
CA LYS B 161 -0.67 13.72 8.09
C LYS B 161 0.46 13.35 7.13
N LEU B 162 1.61 12.99 7.67
CA LEU B 162 2.70 12.49 6.85
C LEU B 162 2.26 11.17 6.25
N VAL B 163 2.64 10.93 5.01
CA VAL B 163 2.25 9.71 4.31
C VAL B 163 3.40 9.16 3.47
N SER B 164 3.31 7.90 3.11
CA SER B 164 4.27 7.31 2.18
C SER B 164 3.90 7.70 0.76
N HIS B 165 4.86 7.55 -0.14
CA HIS B 165 4.67 7.96 -1.53
C HIS B 165 3.57 7.19 -2.25
N GLU B 166 3.10 6.12 -1.68
CA GLU B 166 2.14 5.31 -2.39
C GLU B 166 0.80 5.94 -2.15
N GLN B 167 0.53 6.27 -0.89
CA GLN B 167 -0.74 6.88 -0.51
C GLN B 167 -0.94 8.21 -1.25
N CYS B 168 0.08 8.63 -1.99
CA CYS B 168 0.01 9.87 -2.73
C CYS B 168 -0.38 9.63 -4.19
N MET B 169 -0.51 10.71 -4.96
CA MET B 169 -0.88 10.61 -6.36
C MET B 169 -2.11 9.73 -6.55
N GLN B 170 -2.79 9.43 -5.45
CA GLN B 170 -3.98 8.59 -5.49
C GLN B 170 -4.41 8.17 -4.08
N PRO B 171 -4.44 9.14 -3.17
CA PRO B 171 -4.83 8.87 -1.78
C PRO B 171 -6.26 8.36 -1.64
N HIS B 172 -7.02 8.34 -2.72
CA HIS B 172 -8.42 7.95 -2.65
C HIS B 172 -8.57 6.43 -2.83
N TYR B 173 -7.44 5.75 -3.04
CA TYR B 173 -7.42 4.29 -3.09
C TYR B 173 -7.15 3.73 -1.70
N TYR B 174 -6.69 4.60 -0.81
CA TYR B 174 -6.23 4.16 0.50
C TYR B 174 -7.19 4.49 1.62
N GLY B 175 -8.01 5.50 1.43
CA GLY B 175 -8.94 5.89 2.48
C GLY B 175 -9.82 7.09 2.20
N SER B 176 -10.74 7.35 3.12
CA SER B 176 -11.66 8.47 3.00
C SER B 176 -10.94 9.80 3.14
N GLU B 177 -11.50 10.85 2.56
CA GLU B 177 -10.90 12.17 2.60
C GLU B 177 -11.23 12.88 3.91
N ILE B 178 -10.21 13.38 4.58
CA ILE B 178 -10.38 14.16 5.80
C ILE B 178 -9.90 15.58 5.62
N ASN B 179 -10.15 16.42 6.62
CA ASN B 179 -9.82 17.83 6.55
C ASN B 179 -8.40 18.11 7.05
N TYR B 180 -7.50 17.16 6.79
CA TYR B 180 -6.07 17.35 7.08
C TYR B 180 -5.26 17.37 5.78
N LYS B 181 -4.11 18.04 5.80
CA LYS B 181 -3.23 18.07 4.64
C LYS B 181 -2.24 16.91 4.68
N MET B 182 -2.10 16.22 3.55
CA MET B 182 -1.16 15.12 3.44
C MET B 182 0.16 15.60 2.85
N LEU B 183 1.27 15.02 3.31
CA LEU B 183 2.59 15.40 2.83
C LEU B 183 3.49 14.20 2.58
N CYS B 184 4.23 14.21 1.47
CA CYS B 184 5.13 13.11 1.14
C CYS B 184 6.60 13.55 1.09
N ALA B 185 7.49 12.67 1.56
CA ALA B 185 8.92 12.93 1.57
C ALA B 185 9.38 13.29 0.17
N ALA B 186 10.21 14.31 0.07
CA ALA B 186 10.73 14.76 -1.21
C ALA B 186 11.52 13.66 -1.90
N ASP B 187 11.19 13.42 -3.16
CA ASP B 187 11.88 12.39 -3.93
C ASP B 187 11.77 12.70 -5.42
N PRO B 188 12.91 12.82 -6.10
CA PRO B 188 12.94 13.11 -7.54
C PRO B 188 12.32 12.00 -8.39
N GLU B 189 12.34 10.76 -7.91
CA GLU B 189 11.77 9.65 -8.69
C GLU B 189 10.24 9.63 -8.70
N TRP B 190 9.61 10.07 -7.61
CA TRP B 190 8.16 10.11 -7.56
C TRP B 190 7.70 11.57 -7.67
N LYS B 191 6.99 11.85 -8.77
CA LYS B 191 6.59 13.21 -9.05
C LYS B 191 5.32 13.60 -8.31
N THR B 192 5.38 14.57 -7.39
CA THR B 192 4.18 15.06 -6.65
C THR B 192 4.33 16.59 -6.61
N ASP B 193 3.50 17.31 -7.35
CA ASP B 193 3.64 18.76 -7.37
C ASP B 193 3.26 19.41 -6.05
N SER B 194 4.17 20.25 -5.57
CA SER B 194 3.98 20.97 -4.32
C SER B 194 4.32 22.44 -4.54
N CYS B 195 3.72 23.31 -3.73
CA CYS B 195 3.98 24.73 -3.83
C CYS B 195 5.44 25.02 -3.57
N LYS B 196 6.00 25.92 -4.38
CA LYS B 196 7.38 26.34 -4.18
C LYS B 196 7.40 27.81 -3.79
N GLY B 197 7.08 28.07 -2.53
CA GLY B 197 7.04 29.42 -2.02
C GLY B 197 8.43 29.98 -1.84
N ASP B 198 8.52 31.29 -1.64
CA ASP B 198 9.81 31.94 -1.44
C ASP B 198 10.29 31.79 0.00
N SER B 199 9.40 31.34 0.90
CA SER B 199 9.79 31.17 2.28
C SER B 199 9.79 29.69 2.67
N GLY B 200 9.95 29.41 3.97
CA GLY B 200 10.00 28.05 4.45
C GLY B 200 10.09 27.97 5.96
N GLY B 201 9.96 26.75 6.49
CA GLY B 201 10.01 26.54 7.93
C GLY B 201 10.02 25.09 8.33
N PRO B 202 10.02 24.83 9.66
CA PRO B 202 10.13 23.49 10.25
C PRO B 202 8.83 22.68 10.22
N LEU B 203 8.98 21.37 10.11
CA LEU B 203 7.87 20.42 10.30
C LEU B 203 8.17 19.58 11.54
N ILE B 204 7.31 19.69 12.54
CA ILE B 204 7.54 19.05 13.83
C ILE B 204 6.62 17.85 14.06
N CYS B 205 7.20 16.74 14.51
CA CYS B 205 6.43 15.56 14.89
C CYS B 205 6.80 15.09 16.28
N ASN B 206 5.91 14.31 16.89
CA ASN B 206 6.20 13.71 18.20
C ASN B 206 6.75 12.31 18.06
N ILE B 207 8.08 12.19 18.09
CA ILE B 207 8.73 10.89 18.04
C ILE B 207 9.11 10.43 19.44
N GLU B 208 8.63 9.26 19.84
CA GLU B 208 8.89 8.71 21.17
C GLU B 208 8.52 9.67 22.31
N GLY B 209 7.49 10.48 22.10
CA GLY B 209 7.04 11.38 23.14
C GLY B 209 7.89 12.64 23.24
N ARG B 210 8.54 12.99 22.14
CA ARG B 210 9.37 14.18 22.09
C ARG B 210 9.13 14.99 20.83
N PRO B 211 8.97 16.32 20.97
CA PRO B 211 8.91 17.19 19.80
C PRO B 211 10.17 17.01 18.96
N THR B 212 10.01 16.80 17.67
CA THR B 212 11.16 16.47 16.82
C THR B 212 11.12 17.22 15.49
N LEU B 213 12.26 17.75 15.08
CA LEU B 213 12.38 18.36 13.75
C LEU B 213 12.34 17.25 12.70
N SER B 214 11.16 16.96 12.20
CA SER B 214 10.98 15.85 11.28
C SER B 214 11.13 16.27 9.81
N GLY B 215 10.67 17.47 9.48
CA GLY B 215 10.72 17.90 8.09
C GLY B 215 11.09 19.36 7.85
N ILE B 216 11.25 19.69 6.57
CA ILE B 216 11.48 21.06 6.15
C ILE B 216 10.48 21.42 5.05
N VAL B 217 9.54 22.29 5.35
CA VAL B 217 8.51 22.68 4.40
C VAL B 217 8.74 24.10 3.87
N SER B 218 7.97 24.47 2.85
CA SER B 218 8.07 25.81 2.29
C SER B 218 6.85 26.66 2.62
N TRP B 219 7.08 27.95 2.79
CA TRP B 219 5.99 28.90 3.03
C TRP B 219 5.72 29.76 1.81
N GLY B 220 4.45 29.86 1.43
CA GLY B 220 4.05 30.68 0.31
C GLY B 220 2.59 30.47 -0.07
N ARG B 221 2.31 30.63 -1.35
CA ARG B 221 0.97 30.44 -1.88
C ARG B 221 0.83 29.02 -2.43
N GLY B 222 -0.23 28.34 -2.00
CA GLY B 222 -0.45 26.96 -2.33
C GLY B 222 0.16 26.03 -1.28
N CYS B 223 0.57 26.61 -0.15
CA CYS B 223 1.23 25.86 0.91
C CYS B 223 0.35 25.63 2.14
N ALA B 224 -0.84 26.23 2.16
CA ALA B 224 -1.72 26.10 3.31
C ALA B 224 -3.04 25.48 2.91
N GLU B 225 -3.08 24.96 1.69
CA GLU B 225 -4.28 24.38 1.14
C GLU B 225 -4.33 22.91 1.52
N LYS B 226 -5.51 22.45 1.94
CA LYS B 226 -5.66 21.09 2.45
C LYS B 226 -6.10 20.14 1.35
N ASN B 227 -6.55 20.69 0.23
CA ASN B 227 -7.15 19.87 -0.81
C ASN B 227 -6.12 19.10 -1.64
N LYS B 228 -4.94 19.68 -1.82
CA LYS B 228 -3.85 19.00 -2.51
C LYS B 228 -2.69 18.62 -1.60
N PRO B 229 -2.20 17.38 -1.72
CA PRO B 229 -1.06 16.95 -0.89
C PRO B 229 0.21 17.72 -1.23
N GLY B 230 1.09 17.92 -0.25
CA GLY B 230 2.33 18.64 -0.46
C GLY B 230 3.56 17.78 -0.28
N VAL B 231 4.72 18.43 -0.20
CA VAL B 231 6.00 17.73 -0.11
C VAL B 231 6.92 18.40 0.89
N TYR B 232 7.54 17.59 1.75
CA TYR B 232 8.47 18.11 2.76
C TYR B 232 9.83 17.43 2.63
N THR B 233 10.90 18.19 2.90
CA THR B 233 12.23 17.62 2.97
C THR B 233 12.40 16.86 4.27
N ARG B 234 12.59 15.55 4.19
CA ARG B 234 12.65 14.71 5.37
C ARG B 234 14.01 14.78 6.06
N VAL B 235 14.02 15.34 7.26
CA VAL B 235 15.26 15.57 8.02
C VAL B 235 16.00 14.28 8.35
N SER B 236 15.27 13.21 8.58
CA SER B 236 15.86 11.93 8.97
C SER B 236 16.81 11.38 7.91
N HIS B 237 16.62 11.80 6.66
CA HIS B 237 17.46 11.35 5.56
C HIS B 237 18.75 12.14 5.44
N PHE B 238 18.99 13.04 6.39
CA PHE B 238 20.15 13.92 6.30
C PHE B 238 21.00 13.91 7.57
N LEU B 239 20.61 13.06 8.53
CA LEU B 239 21.29 12.94 9.82
C LEU B 239 22.80 12.98 9.68
N ASP B 240 23.35 11.98 8.97
CA ASP B 240 24.78 11.91 8.69
C ASP B 240 25.32 13.28 8.29
N TRP B 241 24.77 13.83 7.20
CA TRP B 241 25.18 15.12 6.70
C TRP B 241 25.19 16.14 7.82
N ILE B 242 24.04 16.25 8.49
CA ILE B 242 23.90 17.20 9.58
C ILE B 242 25.01 17.00 10.59
N GLN B 243 25.20 15.76 11.02
CA GLN B 243 26.15 15.50 12.09
C GLN B 243 27.57 15.80 11.62
N SER B 244 27.79 15.63 10.31
CA SER B 244 29.12 15.86 9.73
C SER B 244 29.48 17.33 9.78
N HIS B 245 28.50 18.17 10.12
CA HIS B 245 28.73 19.60 10.25
C HIS B 245 28.51 20.08 11.68
N ILE B 246 28.03 19.20 12.56
CA ILE B 246 27.73 19.64 13.92
C ILE B 246 28.75 19.15 14.95
N GLY B 247 29.12 17.88 14.87
CA GLY B 247 30.00 17.24 15.85
C GLY B 247 31.24 18.02 16.24
N GLU C 10 -26.49 14.91 15.34
CA GLU C 10 -27.55 14.59 16.29
C GLU C 10 -28.65 13.76 15.64
N ASN C 11 -29.75 14.44 15.36
CA ASN C 11 -30.88 13.89 14.64
C ASN C 11 -31.01 14.60 13.32
N GLN C 12 -30.53 13.97 12.26
CA GLN C 12 -30.78 14.47 10.93
C GLN C 12 -31.93 13.61 10.43
N PRO C 13 -32.76 14.15 9.53
CA PRO C 13 -34.01 13.53 9.07
C PRO C 13 -33.95 12.02 8.74
N TRP C 14 -32.76 11.48 8.53
CA TRP C 14 -32.65 10.06 8.18
C TRP C 14 -32.46 9.15 9.38
N PHE C 15 -32.17 9.73 10.55
CA PHE C 15 -31.88 8.92 11.73
C PHE C 15 -33.14 8.24 12.26
N ALA C 16 -33.01 6.94 12.54
CA ALA C 16 -34.12 6.16 13.09
C ALA C 16 -33.74 5.57 14.44
N ALA C 17 -34.58 5.82 15.44
CA ALA C 17 -34.33 5.30 16.78
C ALA C 17 -35.15 4.02 17.01
N ILE C 18 -34.50 2.88 16.87
CA ILE C 18 -35.15 1.60 17.09
C ILE C 18 -35.20 1.34 18.58
N TYR C 19 -36.39 1.01 19.10
CA TYR C 19 -36.58 0.69 20.52
C TYR C 19 -36.99 -0.76 20.76
N GLN C 20 -36.58 -1.31 21.90
CA GLN C 20 -36.92 -2.68 22.26
C GLN C 20 -38.13 -2.74 23.17
N LYS C 21 -39.27 -3.14 22.61
CA LYS C 21 -40.51 -3.24 23.37
C LYS C 21 -40.28 -3.92 24.71
N ASN C 22 -40.24 -3.12 25.78
CA ASN C 22 -40.02 -3.65 27.12
C ASN C 22 -41.32 -4.10 27.78
N LYS C 23 -41.33 -5.34 28.27
CA LYS C 23 -42.50 -5.89 28.92
C LYS C 23 -42.57 -5.48 30.39
N GLY C 24 -43.72 -5.72 31.02
CA GLY C 24 -43.91 -5.38 32.41
C GLY C 24 -44.77 -4.15 32.59
N GLY C 25 -44.14 -3.02 32.90
CA GLY C 25 -44.85 -1.77 33.10
C GLY C 25 -44.06 -0.57 32.63
N SER C 26 -42.75 -0.63 32.80
CA SER C 26 -41.87 0.46 32.38
C SER C 26 -42.01 0.74 30.88
N PRO C 27 -41.08 1.60 30.34
CA PRO C 27 -41.24 1.85 28.90
C PRO C 27 -40.28 1.00 28.08
N PRO C 28 -40.10 1.37 26.75
CA PRO C 28 -39.17 0.53 26.00
C PRO C 28 -37.79 1.17 25.91
N SER C 29 -36.75 0.37 26.18
CA SER C 29 -35.38 0.86 26.12
C SER C 29 -34.98 1.22 24.69
N PHE C 30 -34.02 2.11 24.55
CA PHE C 30 -33.54 2.51 23.25
C PHE C 30 -32.63 1.36 22.91
N LYS C 31 -32.40 1.12 21.63
CA LYS C 31 -31.57 -0.02 21.28
C LYS C 31 -30.41 0.10 20.32
N CYS C 32 -30.63 0.48 19.06
CA CYS C 32 -29.51 0.56 18.16
C CYS C 32 -29.37 1.67 17.17
N GLY C 33 -30.44 2.36 16.82
CA GLY C 33 -30.31 3.42 15.87
C GLY C 33 -29.98 2.90 14.50
N GLY C 34 -30.61 3.47 13.51
CA GLY C 34 -30.44 3.05 12.15
C GLY C 34 -30.64 4.22 11.26
N SER C 35 -30.77 3.95 9.99
CA SER C 35 -30.92 4.97 8.95
C SER C 35 -32.09 4.66 8.03
N LEU C 36 -32.91 5.67 7.74
CA LEU C 36 -34.03 5.51 6.82
C LEU C 36 -33.52 5.50 5.39
N ILE C 37 -33.43 4.32 4.77
CA ILE C 37 -32.91 4.24 3.41
C ILE C 37 -34.03 4.30 2.37
N SER C 38 -35.24 4.00 2.81
CA SER C 38 -36.41 4.03 1.96
C SER C 38 -37.59 4.47 2.82
N PRO C 39 -38.60 5.11 2.20
CA PRO C 39 -39.80 5.52 2.94
C PRO C 39 -40.42 4.41 3.78
N CYS C 40 -40.22 3.15 3.40
CA CYS C 40 -40.73 2.02 4.15
C CYS C 40 -39.64 1.11 4.70
N TRP C 41 -38.39 1.55 4.64
CA TRP C 41 -37.27 0.70 5.05
C TRP C 41 -36.16 1.41 5.82
N VAL C 42 -35.80 0.81 6.96
CA VAL C 42 -34.71 1.30 7.79
C VAL C 42 -33.60 0.27 7.92
N ALA C 43 -32.36 0.67 7.65
CA ALA C 43 -31.22 -0.23 7.77
C ALA C 43 -30.51 -0.02 9.10
N SER C 44 -30.15 -1.12 9.75
CA SER C 44 -29.47 -1.07 11.05
C SER C 44 -28.55 -2.27 11.22
N ALA C 45 -28.05 -2.47 12.44
CA ALA C 45 -27.15 -3.57 12.72
C ALA C 45 -27.91 -4.84 13.10
N ALA C 46 -27.55 -5.96 12.47
CA ALA C 46 -28.23 -7.22 12.70
C ALA C 46 -27.96 -7.77 14.10
N HIS C 47 -26.81 -7.41 14.68
CA HIS C 47 -26.43 -7.96 15.97
C HIS C 47 -27.26 -7.41 17.13
N CYS C 48 -28.13 -6.47 16.84
CA CYS C 48 -28.94 -5.92 17.88
C CYS C 48 -30.23 -6.68 18.02
N PHE C 49 -30.50 -7.53 17.06
CA PHE C 49 -31.78 -8.26 17.01
C PHE C 49 -31.57 -9.76 17.07
N ILE C 50 -30.32 -10.20 17.01
CA ILE C 50 -30.01 -11.61 16.82
C ILE C 50 -30.43 -12.46 18.03
N GLN C 51 -30.52 -11.85 19.20
CA GLN C 51 -30.89 -12.59 20.40
C GLN C 51 -32.38 -12.46 20.72
N LEU C 52 -33.05 -11.52 20.05
CA LEU C 52 -34.51 -11.45 20.06
C LEU C 52 -35.02 -11.16 18.66
N PRO C 53 -35.05 -12.19 17.80
CA PRO C 53 -35.24 -12.10 16.36
C PRO C 53 -36.68 -11.86 15.93
N LYS C 54 -37.56 -11.49 16.86
CA LYS C 54 -38.97 -11.32 16.52
C LYS C 54 -39.33 -9.84 16.39
N LYS C 55 -40.16 -9.52 15.40
CA LYS C 55 -40.48 -8.13 15.07
C LYS C 55 -41.22 -7.44 16.20
N GLU C 56 -42.04 -8.20 16.92
CA GLU C 56 -42.97 -7.63 17.87
C GLU C 56 -42.29 -7.00 19.07
N ASN C 57 -40.98 -7.18 19.19
CA ASN C 57 -40.24 -6.63 20.31
C ASN C 57 -39.64 -5.25 20.02
N TYR C 58 -39.93 -4.70 18.85
CA TYR C 58 -39.28 -3.46 18.45
C TYR C 58 -40.20 -2.39 17.88
N VAL C 59 -39.87 -1.14 18.15
CA VAL C 59 -40.61 0.03 17.67
C VAL C 59 -39.65 1.14 17.27
N VAL C 60 -39.66 1.56 16.01
CA VAL C 60 -38.74 2.62 15.60
C VAL C 60 -39.41 3.99 15.66
N TYR C 61 -38.61 5.01 15.89
CA TYR C 61 -39.08 6.39 16.00
C TYR C 61 -38.33 7.29 15.02
N LEU C 62 -39.07 8.19 14.37
CA LEU C 62 -38.47 9.13 13.45
C LEU C 62 -38.77 10.57 13.81
N GLY C 63 -37.93 11.48 13.31
CA GLY C 63 -38.10 12.91 13.48
C GLY C 63 -37.46 13.51 14.71
N GLN C 64 -38.03 14.62 15.18
CA GLN C 64 -37.51 15.33 16.34
C GLN C 64 -37.80 14.63 17.66
N PRO C 72 -40.09 8.84 21.74
CA PRO C 72 -39.87 10.28 21.53
C PRO C 72 -39.46 10.57 20.10
N GLY C 73 -40.42 10.58 19.19
CA GLY C 73 -40.15 10.85 17.79
C GLY C 73 -41.33 11.47 17.07
N GLU C 74 -41.06 12.32 16.09
CA GLU C 74 -42.11 12.98 15.32
C GLU C 74 -42.96 11.97 14.57
N MET C 75 -42.67 10.68 14.77
CA MET C 75 -43.40 9.61 14.11
C MET C 75 -43.04 8.27 14.75
N LYS C 76 -44.08 7.47 15.00
CA LYS C 76 -43.95 6.19 15.68
C LYS C 76 -44.28 5.05 14.73
N PHE C 77 -43.33 4.12 14.54
CA PHE C 77 -43.56 3.00 13.63
C PHE C 77 -43.28 1.69 14.34
N GLU C 78 -44.09 0.67 14.06
CA GLU C 78 -43.74 -0.68 14.49
C GLU C 78 -43.31 -1.47 13.25
N VAL C 79 -42.41 -2.42 13.43
CA VAL C 79 -41.80 -3.10 12.29
C VAL C 79 -42.63 -4.25 11.71
N GLU C 80 -43.21 -3.97 10.55
CA GLU C 80 -43.97 -4.98 9.80
C GLU C 80 -43.07 -6.15 9.47
N GLN C 81 -41.79 -5.89 9.20
CA GLN C 81 -40.88 -6.99 8.89
C GLN C 81 -39.47 -6.76 9.43
N LEU C 82 -38.88 -7.83 9.97
CA LEU C 82 -37.53 -7.79 10.50
C LEU C 82 -36.63 -8.80 9.77
N ILE C 83 -35.76 -8.28 8.91
CA ILE C 83 -34.90 -9.10 8.08
C ILE C 83 -33.44 -9.05 8.51
N LEU C 84 -32.95 -10.13 9.11
CA LEU C 84 -31.54 -10.24 9.42
C LEU C 84 -30.82 -10.95 8.27
N HIS C 85 -29.62 -10.50 7.95
CA HIS C 85 -28.84 -11.08 6.86
C HIS C 85 -28.62 -12.57 7.11
N GLU C 86 -28.93 -13.39 6.12
CA GLU C 86 -28.89 -14.85 6.28
C GLU C 86 -27.49 -15.36 6.60
N TYR C 87 -26.48 -14.59 6.21
CA TYR C 87 -25.09 -14.99 6.45
C TYR C 87 -24.48 -14.24 7.62
N TYR C 88 -25.31 -13.69 8.49
CA TYR C 88 -24.80 -13.04 9.70
C TYR C 88 -24.05 -14.04 10.56
N ARG C 89 -22.91 -13.60 11.09
CA ARG C 89 -22.08 -14.47 11.91
C ARG C 89 -21.22 -13.61 12.84
N GLU C 90 -21.11 -14.03 14.10
CA GLU C 90 -20.24 -13.36 15.05
C GLU C 90 -19.12 -14.28 15.50
N ASP C 91 -17.91 -14.06 14.97
CA ASP C 91 -16.74 -14.75 15.47
C ASP C 91 -16.21 -13.96 16.67
N SER C 92 -15.20 -14.48 17.36
CA SER C 92 -14.75 -13.85 18.61
C SER C 92 -14.13 -12.46 18.45
N LEU C 93 -13.97 -12.00 17.21
CA LEU C 93 -13.31 -10.72 16.96
C LEU C 93 -14.25 -9.65 16.40
N ALA C 94 -15.15 -10.00 15.46
CA ALA C 94 -16.07 -8.99 14.93
C ALA C 94 -17.42 -9.55 14.46
N TYR C 95 -18.31 -8.63 14.07
CA TYR C 95 -19.61 -8.99 13.47
C TYR C 95 -19.49 -8.98 11.96
N HIS C 96 -19.72 -10.13 11.34
CA HIS C 96 -19.61 -10.24 9.89
C HIS C 96 -20.99 -10.32 9.26
N ASN C 97 -21.17 -9.61 8.16
CA ASN C 97 -22.47 -9.43 7.53
C ASN C 97 -23.48 -8.84 8.51
N ASP C 98 -22.99 -7.88 9.31
CA ASP C 98 -23.79 -7.27 10.37
C ASP C 98 -24.73 -6.22 9.82
N ILE C 99 -25.81 -6.67 9.17
CA ILE C 99 -26.76 -5.74 8.58
C ILE C 99 -28.19 -6.28 8.67
N ALA C 100 -29.14 -5.38 8.90
CA ALA C 100 -30.53 -5.75 9.09
C ALA C 100 -31.46 -4.72 8.45
N LEU C 101 -32.56 -5.21 7.89
CA LEU C 101 -33.57 -4.36 7.27
C LEU C 101 -34.87 -4.41 8.04
N LEU C 102 -35.43 -3.24 8.32
CA LEU C 102 -36.68 -3.11 9.05
C LEU C 102 -37.75 -2.47 8.18
N LYS C 103 -38.75 -3.25 7.77
CA LYS C 103 -39.91 -2.66 7.15
C LYS C 103 -40.79 -2.13 8.26
N ILE C 104 -40.86 -0.81 8.34
CA ILE C 104 -41.54 -0.09 9.41
C ILE C 104 -42.94 0.36 8.99
N ARG C 105 -43.82 0.58 9.96
CA ARG C 105 -45.16 1.07 9.67
C ARG C 105 -45.92 1.60 10.88
N THR C 106 -46.86 2.52 10.62
CA THR C 106 -47.69 3.11 11.66
C THR C 106 -48.95 2.29 11.90
N SER C 107 -49.73 2.70 12.89
CA SER C 107 -50.99 2.01 13.20
C SER C 107 -52.03 2.17 12.10
N THR C 108 -52.00 3.31 11.43
CA THR C 108 -52.95 3.61 10.35
C THR C 108 -52.64 2.90 9.03
N GLY C 109 -51.46 2.30 8.95
CA GLY C 109 -51.10 1.45 7.82
C GLY C 109 -50.28 2.06 6.70
N GLN C 110 -49.92 3.34 6.85
CA GLN C 110 -49.12 4.06 5.87
C GLN C 110 -47.65 4.03 6.27
N CYS C 111 -46.76 4.13 5.30
CA CYS C 111 -45.34 4.26 5.61
C CYS C 111 -44.93 5.72 5.86
N ALA C 112 -43.65 5.92 6.17
CA ALA C 112 -43.11 7.24 6.50
C ALA C 112 -43.30 8.27 5.39
N GLN C 113 -43.70 9.48 5.77
CA GLN C 113 -43.98 10.54 4.83
C GLN C 113 -42.91 11.62 4.87
N PRO C 114 -42.19 11.82 3.74
CA PRO C 114 -41.12 12.81 3.59
C PRO C 114 -41.50 14.21 4.11
N SER C 115 -40.54 14.88 4.76
CA SER C 115 -40.71 16.25 5.24
C SER C 115 -39.34 16.88 5.47
N ARG C 116 -39.31 18.05 6.09
CA ARG C 116 -38.04 18.71 6.40
C ARG C 116 -37.49 18.19 7.73
N SER C 117 -38.16 17.20 8.29
CA SER C 117 -37.70 16.53 9.50
C SER C 117 -37.64 15.03 9.28
N ILE C 118 -38.17 14.58 8.15
CA ILE C 118 -38.12 13.18 7.77
C ILE C 118 -37.64 13.04 6.32
N GLN C 119 -36.40 12.62 6.15
CA GLN C 119 -35.86 12.35 4.81
C GLN C 119 -35.12 11.01 4.78
N THR C 120 -34.99 10.47 3.58
CA THR C 120 -34.19 9.27 3.38
C THR C 120 -32.77 9.65 3.02
N ILE C 121 -31.82 8.86 3.52
CA ILE C 121 -30.43 9.08 3.18
C ILE C 121 -30.05 8.19 2.00
N ALA C 122 -29.14 8.67 1.16
CA ALA C 122 -28.77 7.96 -0.06
C ALA C 122 -27.96 6.71 0.23
N LEU C 123 -28.17 5.67 -0.58
CA LEU C 123 -27.37 4.45 -0.50
C LEU C 123 -26.09 4.65 -1.31
N PRO C 124 -25.03 3.89 -0.97
CA PRO C 124 -23.76 4.01 -1.70
C PRO C 124 -23.95 3.76 -3.19
N PRO C 125 -23.32 4.60 -4.03
CA PRO C 125 -23.33 4.29 -5.45
C PRO C 125 -22.56 3.01 -5.64
N ARG C 126 -23.06 2.26 -6.60
CA ARG C 126 -22.42 1.03 -6.95
C ARG C 126 -20.95 1.18 -7.40
N PHE C 127 -20.68 2.28 -8.08
CA PHE C 127 -19.32 2.63 -8.49
C PHE C 127 -19.18 4.13 -8.48
N THR C 128 -18.02 4.61 -8.05
CA THR C 128 -17.71 6.03 -8.09
C THR C 128 -16.20 6.19 -8.10
N ASP C 129 -15.74 7.40 -8.43
CA ASP C 129 -14.31 7.65 -8.58
C ASP C 129 -13.57 7.55 -7.24
N ALA C 130 -14.23 7.97 -6.17
CA ALA C 130 -13.65 7.88 -4.83
C ALA C 130 -14.59 7.12 -3.88
N PRO C 131 -14.52 5.78 -3.90
CA PRO C 131 -15.42 4.89 -3.17
C PRO C 131 -15.42 5.10 -1.66
N PHE C 132 -14.31 5.59 -1.11
CA PHE C 132 -14.18 5.74 0.33
C PHE C 132 -14.88 7.01 0.83
N GLY C 133 -15.05 7.99 -0.05
CA GLY C 133 -15.79 9.20 0.27
C GLY C 133 -15.01 10.24 1.05
N SER C 134 -15.73 11.23 1.56
CA SER C 134 -15.11 12.34 2.29
C SER C 134 -15.87 12.67 3.56
N ASP C 135 -15.13 13.11 4.58
CA ASP C 135 -15.70 13.55 5.85
C ASP C 135 -16.59 12.50 6.51
N CYS C 136 -16.13 11.27 6.55
CA CYS C 136 -16.90 10.18 7.15
C CYS C 136 -17.09 10.37 8.65
N GLU C 137 -18.31 10.10 9.13
CA GLU C 137 -18.63 10.24 10.54
C GLU C 137 -19.35 9.01 11.08
N ILE C 138 -18.96 8.56 12.26
CA ILE C 138 -19.64 7.47 12.94
C ILE C 138 -20.55 7.99 14.04
N THR C 139 -21.61 7.25 14.31
CA THR C 139 -22.50 7.57 15.43
C THR C 139 -22.11 6.74 16.66
N GLY C 140 -22.21 7.33 17.84
CA GLY C 140 -21.94 6.57 19.05
C GLY C 140 -21.74 7.43 20.28
N PHE C 141 -21.55 6.79 21.44
CA PHE C 141 -21.35 7.55 22.67
C PHE C 141 -19.88 7.83 22.92
N GLY C 142 -19.59 8.59 23.97
CA GLY C 142 -18.23 8.85 24.39
C GLY C 142 -17.98 8.40 25.82
N LEU C 150 -26.49 6.52 26.67
CA LEU C 150 -27.38 5.47 27.15
C LEU C 150 -28.77 5.81 26.63
N TYR C 151 -28.97 7.08 26.31
CA TYR C 151 -30.25 7.61 25.87
C TYR C 151 -30.05 8.28 24.49
N PRO C 152 -31.11 8.36 23.67
CA PRO C 152 -31.00 8.67 22.23
C PRO C 152 -30.13 9.85 21.77
N LYS C 153 -29.69 10.74 22.66
CA LYS C 153 -28.83 11.82 22.20
C LYS C 153 -27.70 12.20 23.15
N ASN C 154 -27.21 11.21 23.89
CA ASN C 154 -25.80 11.20 24.27
C ASN C 154 -24.98 10.79 23.03
N LEU C 155 -25.61 10.84 21.87
CA LEU C 155 -25.02 10.40 20.61
C LEU C 155 -24.22 11.49 19.94
N LYS C 156 -22.92 11.25 19.89
CA LYS C 156 -22.01 12.12 19.19
C LYS C 156 -21.76 11.51 17.81
N MET C 157 -21.50 12.37 16.84
CA MET C 157 -21.05 11.94 15.52
C MET C 157 -19.59 12.32 15.36
N SER C 158 -18.71 11.33 15.50
CA SER C 158 -17.27 11.59 15.45
C SER C 158 -16.72 11.33 14.06
N VAL C 159 -15.96 12.29 13.56
CA VAL C 159 -15.34 12.17 12.24
C VAL C 159 -14.29 11.05 12.25
N VAL C 160 -14.32 10.22 11.21
CA VAL C 160 -13.39 9.10 11.11
C VAL C 160 -12.66 9.03 9.78
N LYS C 161 -11.72 8.11 9.69
CA LYS C 161 -10.98 7.85 8.46
C LYS C 161 -11.14 6.39 8.05
N LEU C 162 -11.96 6.14 7.04
CA LEU C 162 -12.06 4.79 6.48
C LEU C 162 -10.74 4.44 5.82
N VAL C 163 -10.31 3.19 5.94
CA VAL C 163 -9.05 2.76 5.36
C VAL C 163 -9.15 1.37 4.74
N SER C 164 -8.20 1.06 3.87
CA SER C 164 -8.07 -0.28 3.30
C SER C 164 -7.35 -1.19 4.30
N HIS C 165 -7.46 -2.50 4.07
CA HIS C 165 -6.91 -3.49 5.00
C HIS C 165 -5.39 -3.43 5.13
N GLU C 166 -4.73 -2.72 4.23
CA GLU C 166 -3.28 -2.66 4.20
C GLU C 166 -2.85 -1.63 5.21
N GLN C 167 -3.67 -0.61 5.35
CA GLN C 167 -3.35 0.51 6.19
C GLN C 167 -4.11 0.36 7.50
N CYS C 168 -4.79 -0.77 7.65
CA CYS C 168 -5.62 -1.06 8.82
C CYS C 168 -4.73 -1.56 9.93
N MET C 169 -4.36 -2.83 9.83
CA MET C 169 -3.20 -3.31 10.55
C MET C 169 -2.03 -2.53 9.99
N GLN C 170 -1.11 -2.15 10.87
CA GLN C 170 0.08 -1.36 10.57
C GLN C 170 -0.31 -0.04 9.91
N PRO C 171 -0.68 0.96 10.71
CA PRO C 171 -0.95 2.31 10.19
C PRO C 171 0.31 3.17 10.25
N HIS C 172 1.34 2.66 10.93
CA HIS C 172 2.57 3.41 11.13
C HIS C 172 3.56 3.13 10.02
N TYR C 173 3.18 2.24 9.10
CA TYR C 173 3.98 1.97 7.92
C TYR C 173 3.54 2.88 6.78
N TYR C 174 2.37 3.47 6.92
CA TYR C 174 1.75 4.22 5.85
C TYR C 174 1.77 5.72 6.09
N GLY C 175 1.84 6.11 7.36
CA GLY C 175 1.84 7.53 7.69
C GLY C 175 1.86 7.86 9.17
N SER C 176 1.97 9.14 9.46
CA SER C 176 2.01 9.63 10.84
C SER C 176 0.68 9.41 11.53
N GLU C 177 0.73 9.32 12.86
CA GLU C 177 -0.48 9.09 13.64
C GLU C 177 -1.22 10.40 13.88
N ILE C 178 -2.50 10.41 13.56
CA ILE C 178 -3.33 11.56 13.87
C ILE C 178 -4.35 11.09 14.90
N ASN C 179 -5.08 12.03 15.48
CA ASN C 179 -6.03 11.68 16.52
C ASN C 179 -7.43 11.41 15.96
N TYR C 180 -7.48 10.77 14.81
CA TYR C 180 -8.75 10.30 14.25
C TYR C 180 -8.81 8.77 14.34
N LYS C 181 -10.01 8.23 14.40
CA LYS C 181 -10.18 6.78 14.45
C LYS C 181 -10.24 6.20 13.04
N MET C 182 -9.47 5.13 12.84
CA MET C 182 -9.44 4.45 11.57
C MET C 182 -10.39 3.26 11.59
N LEU C 183 -11.04 3.00 10.46
CA LEU C 183 -11.99 1.89 10.36
C LEU C 183 -11.80 1.09 9.08
N CYS C 184 -11.85 -0.24 9.21
CA CYS C 184 -11.71 -1.12 8.07
C CYS C 184 -13.02 -1.84 7.76
N ALA C 185 -13.23 -2.15 6.48
CA ALA C 185 -14.38 -2.94 6.09
C ALA C 185 -14.26 -4.34 6.67
N ALA C 186 -15.37 -4.85 7.21
CA ALA C 186 -15.38 -6.18 7.82
C ALA C 186 -15.01 -7.26 6.81
N ASP C 187 -14.09 -8.15 7.21
CA ASP C 187 -13.64 -9.23 6.36
C ASP C 187 -13.10 -10.37 7.22
N PRO C 188 -13.68 -11.57 7.07
CA PRO C 188 -13.23 -12.75 7.84
C PRO C 188 -11.80 -13.16 7.54
N GLU C 189 -11.30 -12.86 6.34
CA GLU C 189 -9.94 -13.24 5.99
C GLU C 189 -8.87 -12.35 6.63
N TRP C 190 -9.17 -11.08 6.83
CA TRP C 190 -8.21 -10.20 7.47
C TRP C 190 -8.66 -9.91 8.90
N LYS C 191 -7.86 -10.35 9.88
CA LYS C 191 -8.26 -10.20 11.27
C LYS C 191 -7.90 -8.83 11.86
N THR C 192 -8.92 -8.17 12.39
CA THR C 192 -8.76 -6.87 13.04
C THR C 192 -9.61 -6.81 14.30
N ASP C 193 -8.97 -6.76 15.46
CA ASP C 193 -9.71 -6.69 16.72
C ASP C 193 -10.50 -5.40 16.82
N SER C 194 -11.81 -5.52 16.87
CA SER C 194 -12.69 -4.36 17.00
C SER C 194 -13.70 -4.64 18.10
N CYS C 195 -14.18 -3.60 18.75
CA CYS C 195 -15.15 -3.74 19.82
C CYS C 195 -16.44 -4.36 19.31
N LYS C 196 -16.99 -5.28 20.09
CA LYS C 196 -18.26 -5.91 19.74
C LYS C 196 -19.32 -5.52 20.76
N GLY C 197 -19.84 -4.31 20.62
CA GLY C 197 -20.83 -3.80 21.54
C GLY C 197 -22.20 -4.44 21.37
N ASP C 198 -23.06 -4.23 22.35
CA ASP C 198 -24.42 -4.75 22.28
C ASP C 198 -25.31 -3.84 21.45
N SER C 199 -24.82 -2.64 21.15
CA SER C 199 -25.60 -1.71 20.33
C SER C 199 -24.93 -1.49 18.97
N GLY C 200 -25.45 -0.54 18.21
CA GLY C 200 -24.92 -0.27 16.88
C GLY C 200 -25.59 0.92 16.23
N GLY C 201 -25.04 1.35 15.09
CA GLY C 201 -25.58 2.49 14.38
C GLY C 201 -24.94 2.72 13.03
N PRO C 202 -25.37 3.78 12.33
CA PRO C 202 -24.94 4.13 10.97
C PRO C 202 -23.57 4.81 10.88
N LEU C 203 -22.88 4.54 9.78
CA LEU C 203 -21.65 5.27 9.43
C LEU C 203 -21.93 6.06 8.16
N ILE C 204 -21.81 7.38 8.25
CA ILE C 204 -22.17 8.27 7.15
C ILE C 204 -20.95 8.90 6.49
N CYS C 205 -20.90 8.86 5.17
CA CYS C 205 -19.86 9.52 4.40
C CYS C 205 -20.47 10.43 3.34
N ASN C 206 -19.68 11.39 2.85
CA ASN C 206 -20.11 12.24 1.75
C ASN C 206 -19.64 11.71 0.41
N ILE C 207 -20.52 10.98 -0.27
CA ILE C 207 -20.21 10.47 -1.60
C ILE C 207 -20.80 11.38 -2.67
N GLU C 208 -19.93 11.86 -3.55
CA GLU C 208 -20.30 12.78 -4.63
C GLU C 208 -21.01 14.01 -4.07
N GLY C 209 -20.63 14.40 -2.87
CA GLY C 209 -21.14 15.59 -2.21
C GLY C 209 -22.50 15.50 -1.54
N ARG C 210 -22.95 14.28 -1.23
CA ARG C 210 -24.19 14.11 -0.48
C ARG C 210 -24.00 13.00 0.57
N PRO C 211 -24.56 13.20 1.77
CA PRO C 211 -24.54 12.20 2.85
C PRO C 211 -25.05 10.84 2.41
N THR C 212 -24.29 9.80 2.75
CA THR C 212 -24.57 8.44 2.29
C THR C 212 -24.40 7.44 3.41
N LEU C 213 -25.33 6.48 3.51
CA LEU C 213 -25.16 5.39 4.46
C LEU C 213 -24.06 4.47 3.98
N SER C 214 -22.83 4.74 4.44
CA SER C 214 -21.67 4.00 3.96
C SER C 214 -21.35 2.76 4.77
N GLY C 215 -21.58 2.82 6.08
CA GLY C 215 -21.21 1.70 6.93
C GLY C 215 -22.19 1.38 8.05
N ILE C 216 -21.94 0.26 8.71
CA ILE C 216 -22.69 -0.12 9.90
C ILE C 216 -21.70 -0.44 11.03
N VAL C 217 -21.70 0.41 12.05
CA VAL C 217 -20.78 0.22 13.17
C VAL C 217 -21.52 -0.27 14.39
N SER C 218 -20.78 -0.68 15.41
CA SER C 218 -21.38 -1.13 16.66
C SER C 218 -21.15 -0.11 17.76
N TRP C 219 -22.12 0.01 18.66
CA TRP C 219 -21.97 0.91 19.81
C TRP C 219 -21.72 0.10 21.07
N GLY C 220 -20.72 0.54 21.83
CA GLY C 220 -20.34 -0.09 23.07
C GLY C 220 -19.07 0.51 23.64
N ARG C 221 -18.32 -0.31 24.34
CA ARG C 221 -17.07 0.11 24.98
C ARG C 221 -15.84 -0.22 24.13
N GLY C 222 -15.00 0.79 23.92
CA GLY C 222 -13.86 0.66 23.04
C GLY C 222 -14.26 1.03 21.62
N CYS C 223 -15.43 1.64 21.49
CA CYS C 223 -15.98 1.99 20.18
C CYS C 223 -15.89 3.48 19.88
N ALA C 224 -15.46 4.26 20.86
CA ALA C 224 -15.32 5.70 20.70
C ALA C 224 -13.85 5.98 20.93
N GLU C 225 -13.11 4.90 20.97
CA GLU C 225 -11.69 4.89 21.24
C GLU C 225 -10.93 5.09 19.93
N LYS C 226 -9.95 5.99 19.95
CA LYS C 226 -9.30 6.45 18.72
C LYS C 226 -7.96 5.82 18.33
N ASN C 227 -7.17 5.36 19.29
CA ASN C 227 -5.82 4.90 18.91
C ASN C 227 -5.84 3.46 18.41
N LYS C 228 -6.91 2.70 18.66
CA LYS C 228 -7.02 1.38 18.05
C LYS C 228 -8.01 1.45 16.88
N PRO C 229 -7.64 0.88 15.72
CA PRO C 229 -8.54 0.86 14.57
C PRO C 229 -9.78 -0.01 14.82
N GLY C 230 -10.90 0.35 14.22
CA GLY C 230 -12.13 -0.41 14.38
C GLY C 230 -12.57 -1.06 13.09
N VAL C 231 -13.78 -1.59 13.07
CA VAL C 231 -14.28 -2.32 11.91
C VAL C 231 -15.74 -1.98 11.65
N TYR C 232 -16.07 -1.70 10.38
CA TYR C 232 -17.43 -1.38 10.00
C TYR C 232 -17.92 -2.32 8.92
N THR C 233 -19.21 -2.66 8.96
CA THR C 233 -19.84 -3.42 7.89
C THR C 233 -20.09 -2.48 6.72
N ARG C 234 -19.44 -2.74 5.59
CA ARG C 234 -19.54 -1.83 4.46
C ARG C 234 -20.85 -2.05 3.71
N VAL C 235 -21.73 -1.05 3.77
CA VAL C 235 -23.07 -1.14 3.19
C VAL C 235 -23.03 -1.37 1.69
N SER C 236 -22.04 -0.78 1.03
CA SER C 236 -21.90 -0.88 -0.41
C SER C 236 -21.74 -2.31 -0.91
N HIS C 237 -21.27 -3.20 -0.04
CA HIS C 237 -21.06 -4.61 -0.39
C HIS C 237 -22.35 -5.41 -0.28
N PHE C 238 -23.45 -4.73 0.01
CA PHE C 238 -24.73 -5.41 0.26
C PHE C 238 -25.86 -4.85 -0.61
N LEU C 239 -25.51 -3.93 -1.51
CA LEU C 239 -26.47 -3.29 -2.41
C LEU C 239 -27.48 -4.27 -3.01
N ASP C 240 -26.98 -5.24 -3.76
CA ASP C 240 -27.81 -6.30 -4.34
C ASP C 240 -28.84 -6.87 -3.35
N TRP C 241 -28.36 -7.38 -2.22
CA TRP C 241 -29.23 -7.91 -1.16
C TRP C 241 -30.32 -6.94 -0.73
N ILE C 242 -29.88 -5.73 -0.35
CA ILE C 242 -30.77 -4.68 0.09
C ILE C 242 -31.87 -4.47 -0.94
N GLN C 243 -31.51 -4.29 -2.20
CA GLN C 243 -32.50 -3.99 -3.23
C GLN C 243 -33.40 -5.19 -3.42
N SER C 244 -32.82 -6.37 -3.23
CA SER C 244 -33.56 -7.62 -3.39
C SER C 244 -34.60 -7.71 -2.30
N HIS C 245 -34.51 -6.83 -1.31
CA HIS C 245 -35.54 -6.77 -0.27
C HIS C 245 -36.32 -5.44 -0.30
N ILE C 246 -35.90 -4.48 -1.12
CA ILE C 246 -36.57 -3.18 -1.14
C ILE C 246 -37.46 -2.97 -2.38
N GLY C 247 -36.93 -3.32 -3.55
CA GLY C 247 -37.59 -3.05 -4.83
C GLY C 247 -39.07 -3.39 -4.91
N GLU D 10 -4.48 -27.80 -16.81
CA GLU D 10 -4.41 -29.17 -17.29
C GLU D 10 -5.49 -30.00 -16.58
N ASN D 11 -5.31 -31.31 -16.55
CA ASN D 11 -6.25 -32.23 -15.90
C ASN D 11 -5.75 -32.92 -14.64
N GLN D 12 -6.05 -32.34 -13.47
CA GLN D 12 -5.83 -33.01 -12.18
C GLN D 12 -7.17 -33.55 -11.67
N PRO D 13 -7.13 -34.59 -10.80
CA PRO D 13 -8.33 -35.30 -10.33
C PRO D 13 -9.52 -34.43 -9.95
N TRP D 14 -9.29 -33.14 -9.68
CA TRP D 14 -10.37 -32.24 -9.30
C TRP D 14 -10.96 -31.52 -10.51
N PHE D 15 -10.28 -31.60 -11.66
CA PHE D 15 -10.71 -30.87 -12.84
C PHE D 15 -11.98 -31.47 -13.45
N ALA D 16 -12.92 -30.60 -13.78
CA ALA D 16 -14.17 -31.01 -14.41
C ALA D 16 -14.33 -30.35 -15.77
N ALA D 17 -14.57 -31.16 -16.80
CA ALA D 17 -14.75 -30.64 -18.15
C ALA D 17 -16.22 -30.49 -18.52
N ILE D 18 -16.74 -29.28 -18.45
CA ILE D 18 -18.13 -29.02 -18.80
C ILE D 18 -18.32 -28.85 -20.30
N TYR D 19 -19.21 -29.65 -20.86
CA TYR D 19 -19.53 -29.57 -22.29
C TYR D 19 -20.97 -29.12 -22.48
N GLN D 20 -21.21 -28.39 -23.58
CA GLN D 20 -22.54 -27.90 -23.88
C GLN D 20 -23.23 -28.78 -24.92
N LYS D 21 -24.22 -29.55 -24.47
CA LYS D 21 -24.96 -30.45 -25.36
C LYS D 21 -25.35 -29.73 -26.65
N ASN D 22 -25.50 -30.51 -27.72
CA ASN D 22 -25.87 -29.96 -29.01
C ASN D 22 -27.05 -30.68 -29.63
N LYS D 23 -27.81 -29.98 -30.47
CA LYS D 23 -28.98 -30.56 -31.12
C LYS D 23 -28.78 -30.63 -32.63
N GLY D 24 -27.74 -31.37 -33.06
CA GLY D 24 -27.45 -31.52 -34.47
C GLY D 24 -26.59 -32.74 -34.75
N GLY D 25 -26.94 -33.85 -34.13
CA GLY D 25 -26.20 -35.10 -34.31
C GLY D 25 -24.70 -34.88 -34.28
N SER D 26 -24.26 -33.91 -33.47
CA SER D 26 -22.84 -33.61 -33.33
C SER D 26 -22.29 -34.14 -32.01
N PRO D 27 -21.14 -33.51 -31.56
CA PRO D 27 -20.62 -34.05 -30.28
C PRO D 27 -21.03 -33.16 -29.05
N PRO D 28 -21.65 -32.91 -27.83
CA PRO D 28 -21.45 -31.53 -27.36
C PRO D 28 -19.97 -31.14 -27.34
N SER D 29 -19.69 -29.89 -27.65
CA SER D 29 -18.31 -29.40 -27.65
C SER D 29 -17.82 -29.11 -26.24
N PHE D 30 -16.85 -28.20 -26.13
CA PHE D 30 -16.29 -27.83 -24.83
C PHE D 30 -16.71 -26.42 -24.45
N LYS D 31 -17.17 -26.25 -23.21
CA LYS D 31 -17.67 -24.95 -22.78
C LYS D 31 -16.84 -24.29 -21.68
N CYS D 32 -16.98 -24.78 -20.46
CA CYS D 32 -16.31 -24.23 -19.30
C CYS D 32 -15.48 -25.26 -18.54
N GLY D 33 -14.50 -24.77 -17.79
CA GLY D 33 -13.73 -25.65 -16.92
C GLY D 33 -14.28 -25.47 -15.51
N GLY D 34 -14.10 -26.49 -14.68
CA GLY D 34 -14.64 -26.44 -13.32
C GLY D 34 -13.80 -27.23 -12.33
N SER D 35 -14.14 -27.09 -11.05
CA SER D 35 -13.45 -27.84 -10.01
C SER D 35 -14.44 -28.64 -9.17
N LEU D 36 -14.09 -29.90 -8.91
CA LEU D 36 -14.89 -30.76 -8.05
C LEU D 36 -14.69 -30.39 -6.59
N ILE D 37 -15.63 -29.64 -6.03
CA ILE D 37 -15.51 -29.20 -4.64
C ILE D 37 -16.20 -30.17 -3.70
N SER D 38 -17.12 -30.96 -4.25
CA SER D 38 -17.83 -31.97 -3.47
C SER D 38 -18.10 -33.18 -4.36
N PRO D 39 -18.21 -34.37 -3.75
CA PRO D 39 -18.55 -35.59 -4.51
C PRO D 39 -19.78 -35.43 -5.40
N CYS D 40 -20.70 -34.53 -5.03
CA CYS D 40 -21.89 -34.29 -5.82
C CYS D 40 -21.96 -32.86 -6.36
N TRP D 41 -20.86 -32.11 -6.23
CA TRP D 41 -20.87 -30.70 -6.61
C TRP D 41 -19.60 -30.23 -7.32
N VAL D 42 -19.79 -29.56 -8.44
CA VAL D 42 -18.71 -28.96 -9.23
C VAL D 42 -18.92 -27.45 -9.34
N ALA D 43 -17.88 -26.67 -9.02
CA ALA D 43 -17.99 -25.22 -9.12
C ALA D 43 -17.35 -24.69 -10.40
N SER D 44 -18.03 -23.73 -11.05
CA SER D 44 -17.52 -23.16 -12.30
C SER D 44 -17.95 -21.69 -12.45
N ALA D 45 -17.76 -21.14 -13.64
CA ALA D 45 -18.09 -19.74 -13.91
C ALA D 45 -19.54 -19.58 -14.37
N ALA D 46 -20.26 -18.65 -13.76
CA ALA D 46 -21.67 -18.43 -14.05
C ALA D 46 -21.90 -17.83 -15.44
N HIS D 47 -20.92 -17.09 -15.94
CA HIS D 47 -21.09 -16.40 -17.23
C HIS D 47 -21.06 -17.35 -18.40
N CYS D 48 -20.75 -18.62 -18.12
CA CYS D 48 -20.65 -19.64 -19.15
C CYS D 48 -21.98 -20.35 -19.35
N PHE D 49 -22.94 -20.04 -18.50
CA PHE D 49 -24.25 -20.70 -18.54
C PHE D 49 -25.40 -19.70 -18.61
N ILE D 50 -25.08 -18.41 -18.50
CA ILE D 50 -26.10 -17.38 -18.32
C ILE D 50 -27.03 -17.19 -19.51
N GLN D 51 -26.57 -17.55 -20.71
CA GLN D 51 -27.39 -17.39 -21.91
C GLN D 51 -28.13 -18.66 -22.31
N LEU D 52 -27.76 -19.79 -21.68
CA LEU D 52 -28.53 -21.02 -21.77
C LEU D 52 -28.62 -21.63 -20.39
N PRO D 53 -29.49 -21.08 -19.54
CA PRO D 53 -29.52 -21.32 -18.09
C PRO D 53 -30.14 -22.64 -17.62
N LYS D 54 -30.43 -23.57 -18.52
CA LYS D 54 -31.05 -24.82 -18.09
C LYS D 54 -30.12 -26.03 -18.10
N LYS D 55 -30.41 -26.93 -17.16
CA LYS D 55 -29.62 -28.11 -16.83
C LYS D 55 -29.42 -29.10 -17.98
N GLU D 56 -30.42 -29.25 -18.84
CA GLU D 56 -30.39 -30.31 -19.86
C GLU D 56 -29.39 -30.05 -21.00
N ASN D 57 -28.83 -28.84 -21.03
CA ASN D 57 -27.92 -28.47 -22.12
C ASN D 57 -26.45 -28.75 -21.82
N TYR D 58 -26.16 -29.33 -20.67
CA TYR D 58 -24.77 -29.50 -20.24
C TYR D 58 -24.45 -30.89 -19.69
N VAL D 59 -23.21 -31.33 -19.93
CA VAL D 59 -22.72 -32.60 -19.43
C VAL D 59 -21.27 -32.44 -18.96
N VAL D 60 -21.00 -32.78 -17.71
CA VAL D 60 -19.63 -32.64 -17.20
C VAL D 60 -18.89 -33.98 -17.28
N TYR D 61 -17.58 -33.90 -17.45
CA TYR D 61 -16.75 -35.10 -17.52
C TYR D 61 -15.64 -35.06 -16.48
N LEU D 62 -15.39 -36.20 -15.84
CA LEU D 62 -14.35 -36.30 -14.82
C LEU D 62 -13.36 -37.41 -15.14
N GLY D 63 -12.18 -37.35 -14.52
CA GLY D 63 -11.18 -38.39 -14.66
C GLY D 63 -10.18 -38.21 -15.78
N GLN D 64 -9.74 -39.32 -16.34
CA GLN D 64 -8.73 -39.32 -17.40
C GLN D 64 -9.29 -38.79 -18.71
N PRO D 72 -13.67 -38.63 -23.38
CA PRO D 72 -13.20 -37.35 -22.80
C PRO D 72 -13.28 -37.36 -21.27
N GLY D 73 -13.04 -38.52 -20.68
CA GLY D 73 -13.08 -38.66 -19.23
C GLY D 73 -13.45 -40.06 -18.79
N GLU D 74 -13.06 -40.40 -17.56
CA GLU D 74 -13.35 -41.72 -17.02
C GLU D 74 -14.79 -41.81 -16.51
N MET D 75 -15.41 -40.65 -16.30
CA MET D 75 -16.79 -40.59 -15.82
C MET D 75 -17.62 -39.49 -16.47
N LYS D 76 -18.85 -39.86 -16.80
CA LYS D 76 -19.81 -38.99 -17.49
C LYS D 76 -20.96 -38.59 -16.56
N PHE D 77 -21.18 -37.29 -16.39
CA PHE D 77 -22.25 -36.82 -15.52
C PHE D 77 -23.22 -35.85 -16.17
N GLU D 78 -24.49 -35.99 -15.79
CA GLU D 78 -25.52 -35.03 -16.12
C GLU D 78 -25.77 -34.15 -14.90
N VAL D 79 -26.09 -32.88 -15.16
CA VAL D 79 -26.29 -31.94 -14.06
C VAL D 79 -27.74 -31.94 -13.59
N GLU D 80 -27.96 -32.58 -12.45
CA GLU D 80 -29.25 -32.62 -11.79
C GLU D 80 -29.74 -31.22 -11.45
N GLN D 81 -28.81 -30.34 -11.10
CA GLN D 81 -29.16 -28.96 -10.76
C GLN D 81 -28.09 -27.97 -11.23
N LEU D 82 -28.55 -26.84 -11.76
CA LEU D 82 -27.65 -25.78 -12.23
C LEU D 82 -27.93 -24.49 -11.48
N ILE D 83 -27.02 -24.12 -10.59
CA ILE D 83 -27.22 -22.95 -9.73
C ILE D 83 -26.31 -21.80 -10.10
N LEU D 84 -26.88 -20.76 -10.70
CA LEU D 84 -26.15 -19.52 -10.95
C LEU D 84 -26.38 -18.57 -9.79
N HIS D 85 -25.33 -17.85 -9.39
CA HIS D 85 -25.44 -16.91 -8.29
C HIS D 85 -26.50 -15.85 -8.58
N GLU D 86 -27.41 -15.65 -7.64
CA GLU D 86 -28.56 -14.77 -7.83
C GLU D 86 -28.14 -13.32 -8.09
N TYR D 87 -26.94 -12.96 -7.64
CA TYR D 87 -26.45 -11.60 -7.82
C TYR D 87 -25.41 -11.51 -8.95
N TYR D 88 -25.39 -12.51 -9.82
CA TYR D 88 -24.52 -12.46 -10.99
C TYR D 88 -24.86 -11.30 -11.90
N ARG D 89 -23.82 -10.64 -12.40
CA ARG D 89 -24.03 -9.52 -13.29
C ARG D 89 -22.80 -9.23 -14.16
N GLU D 90 -23.04 -8.86 -15.41
CA GLU D 90 -21.97 -8.46 -16.31
C GLU D 90 -22.07 -6.99 -16.76
N ASP D 91 -21.24 -6.13 -16.20
CA ASP D 91 -21.08 -4.78 -16.73
C ASP D 91 -20.07 -4.80 -17.87
N SER D 92 -19.91 -3.67 -18.52
CA SER D 92 -19.03 -3.56 -19.68
C SER D 92 -17.55 -3.77 -19.33
N LEU D 93 -17.26 -4.03 -18.06
CA LEU D 93 -15.87 -4.18 -17.65
C LEU D 93 -15.50 -5.59 -17.18
N ALA D 94 -16.34 -6.22 -16.36
CA ALA D 94 -16.04 -7.57 -15.88
C ALA D 94 -17.27 -8.37 -15.47
N TYR D 95 -17.04 -9.62 -15.09
CA TYR D 95 -18.09 -10.46 -14.55
C TYR D 95 -18.08 -10.38 -13.03
N HIS D 96 -19.18 -9.92 -12.45
CA HIS D 96 -19.26 -9.75 -11.01
C HIS D 96 -20.15 -10.84 -10.40
N ASN D 97 -19.70 -11.40 -9.27
CA ASN D 97 -20.34 -12.57 -8.67
C ASN D 97 -20.40 -13.73 -9.66
N ASP D 98 -19.32 -13.89 -10.42
CA ASP D 98 -19.25 -14.88 -11.49
C ASP D 98 -18.98 -16.29 -10.95
N ILE D 99 -19.99 -16.91 -10.37
CA ILE D 99 -19.84 -18.24 -9.81
C ILE D 99 -21.11 -19.08 -10.00
N ALA D 100 -20.92 -20.37 -10.27
CA ALA D 100 -22.02 -21.27 -10.55
C ALA D 100 -21.77 -22.64 -9.94
N LEU D 101 -22.84 -23.26 -9.47
CA LEU D 101 -22.76 -24.60 -8.87
C LEU D 101 -23.51 -25.63 -9.68
N LEU D 102 -22.84 -26.75 -9.96
CA LEU D 102 -23.41 -27.85 -10.71
C LEU D 102 -23.50 -29.11 -9.85
N LYS D 103 -24.72 -29.51 -9.50
CA LYS D 103 -24.89 -30.81 -8.87
C LYS D 103 -24.86 -31.90 -9.92
N ILE D 104 -23.82 -32.73 -9.88
CA ILE D 104 -23.63 -33.75 -10.89
C ILE D 104 -24.17 -35.10 -10.45
N ARG D 105 -24.53 -35.95 -11.41
CA ARG D 105 -24.99 -37.30 -11.11
C ARG D 105 -24.94 -38.16 -12.37
N THR D 106 -24.77 -39.46 -12.19
CA THR D 106 -24.73 -40.38 -13.32
C THR D 106 -26.11 -40.91 -13.68
N SER D 107 -26.17 -41.70 -14.75
CA SER D 107 -27.42 -42.30 -15.20
C SER D 107 -27.90 -43.32 -14.17
N THR D 108 -26.98 -43.96 -13.48
CA THR D 108 -27.30 -44.95 -12.45
C THR D 108 -27.78 -44.28 -11.16
N GLY D 109 -27.62 -42.96 -11.07
CA GLY D 109 -28.14 -42.21 -9.93
C GLY D 109 -27.09 -41.91 -8.89
N GLN D 110 -25.85 -42.25 -9.20
CA GLN D 110 -24.73 -42.08 -8.28
C GLN D 110 -24.01 -40.74 -8.49
N CYS D 111 -23.43 -40.19 -7.42
CA CYS D 111 -22.54 -39.05 -7.57
C CYS D 111 -21.13 -39.56 -7.77
N ALA D 112 -20.19 -38.63 -7.98
CA ALA D 112 -18.79 -38.99 -8.18
C ALA D 112 -18.18 -39.69 -6.97
N GLN D 113 -17.43 -40.75 -7.24
CA GLN D 113 -16.78 -41.58 -6.23
C GLN D 113 -15.28 -41.36 -6.23
N PRO D 114 -14.73 -40.89 -5.09
CA PRO D 114 -13.30 -40.66 -4.96
C PRO D 114 -12.47 -41.84 -5.47
N SER D 115 -11.37 -41.53 -6.13
CA SER D 115 -10.43 -42.52 -6.62
C SER D 115 -9.08 -41.81 -6.75
N ARG D 116 -8.09 -42.48 -7.32
CA ARG D 116 -6.77 -41.88 -7.53
C ARG D 116 -6.70 -41.10 -8.83
N SER D 117 -7.85 -40.98 -9.50
CA SER D 117 -7.98 -40.12 -10.66
C SER D 117 -9.16 -39.17 -10.46
N ILE D 118 -9.90 -39.40 -9.37
CA ILE D 118 -11.03 -38.55 -9.00
C ILE D 118 -10.94 -38.12 -7.55
N GLN D 119 -10.57 -36.87 -7.32
CA GLN D 119 -10.53 -36.30 -5.97
C GLN D 119 -11.19 -34.92 -5.93
N THR D 120 -11.60 -34.51 -4.74
CA THR D 120 -12.12 -33.17 -4.53
C THR D 120 -11.00 -32.22 -4.13
N ILE D 121 -11.07 -30.98 -4.60
CA ILE D 121 -10.10 -29.98 -4.21
C ILE D 121 -10.65 -29.16 -3.05
N ALA D 122 -9.77 -28.72 -2.16
CA ALA D 122 -10.18 -28.03 -0.94
C ALA D 122 -10.68 -26.62 -1.24
N LEU D 123 -11.67 -26.19 -0.46
CA LEU D 123 -12.16 -24.82 -0.52
C LEU D 123 -11.30 -23.91 0.37
N PRO D 124 -11.28 -22.60 0.07
CA PRO D 124 -10.53 -21.66 0.89
C PRO D 124 -10.99 -21.67 2.34
N PRO D 125 -10.03 -21.63 3.29
CA PRO D 125 -10.40 -21.49 4.70
C PRO D 125 -11.06 -20.14 4.91
N ARG D 126 -12.03 -20.07 5.81
CA ARG D 126 -12.68 -18.81 6.12
C ARG D 126 -11.67 -17.80 6.67
N PHE D 127 -10.67 -18.28 7.41
CA PHE D 127 -9.56 -17.43 7.82
C PHE D 127 -8.23 -18.20 7.85
N THR D 128 -7.16 -17.53 7.45
CA THR D 128 -5.81 -18.08 7.54
C THR D 128 -4.78 -16.96 7.59
N ASP D 129 -3.54 -17.30 7.94
CA ASP D 129 -2.49 -16.30 8.13
C ASP D 129 -2.08 -15.63 6.82
N ALA D 130 -2.07 -16.39 5.73
CA ALA D 130 -1.74 -15.84 4.42
C ALA D 130 -2.85 -16.15 3.41
N PRO D 131 -3.90 -15.31 3.41
CA PRO D 131 -5.11 -15.53 2.61
C PRO D 131 -4.86 -15.62 1.10
N PHE D 132 -3.80 -14.98 0.64
CA PHE D 132 -3.51 -14.94 -0.80
C PHE D 132 -2.88 -16.24 -1.30
N GLY D 133 -2.22 -16.95 -0.40
CA GLY D 133 -1.65 -18.25 -0.74
C GLY D 133 -0.32 -18.19 -1.46
N SER D 134 0.09 -19.34 -1.99
CA SER D 134 1.38 -19.47 -2.67
C SER D 134 1.26 -20.24 -3.97
N ASP D 135 2.07 -19.86 -4.95
CA ASP D 135 2.15 -20.55 -6.25
C ASP D 135 0.79 -20.66 -6.94
N CYS D 136 0.05 -19.56 -6.98
CA CYS D 136 -1.26 -19.55 -7.62
C CYS D 136 -1.14 -19.78 -9.12
N GLU D 137 -2.05 -20.60 -9.67
CA GLU D 137 -2.05 -20.91 -11.09
C GLU D 137 -3.44 -20.76 -11.69
N ILE D 138 -3.51 -20.15 -12.87
CA ILE D 138 -4.77 -20.06 -13.60
C ILE D 138 -4.84 -21.07 -14.73
N THR D 139 -6.05 -21.48 -15.06
CA THR D 139 -6.30 -22.35 -16.21
C THR D 139 -6.67 -21.48 -17.40
N GLY D 140 -6.24 -21.88 -18.59
CA GLY D 140 -6.62 -21.12 -19.78
C GLY D 140 -5.82 -21.49 -21.01
N PHE D 141 -6.11 -20.85 -22.14
CA PHE D 141 -5.38 -21.14 -23.37
C PHE D 141 -4.16 -20.25 -23.54
N GLY D 142 -3.42 -20.47 -24.61
CA GLY D 142 -2.28 -19.63 -24.94
C GLY D 142 -2.42 -18.96 -26.29
N LEU D 150 -8.89 -24.73 -27.71
CA LEU D 150 -10.32 -24.99 -27.87
C LEU D 150 -10.76 -26.32 -27.25
N TYR D 151 -9.82 -27.23 -27.05
CA TYR D 151 -10.19 -28.57 -26.60
C TYR D 151 -9.46 -28.89 -25.29
N PRO D 152 -10.06 -29.75 -24.45
CA PRO D 152 -9.58 -30.05 -23.09
C PRO D 152 -8.11 -30.49 -22.94
N LYS D 153 -7.22 -30.19 -23.87
CA LYS D 153 -5.81 -30.33 -23.56
C LYS D 153 -4.94 -29.22 -24.17
N ASN D 154 -5.58 -28.12 -24.54
CA ASN D 154 -4.87 -26.95 -25.01
C ASN D 154 -4.85 -26.01 -23.83
N LEU D 155 -5.16 -26.61 -22.69
CA LEU D 155 -5.28 -25.92 -21.43
C LEU D 155 -3.96 -25.88 -20.68
N LYS D 156 -3.44 -24.66 -20.55
CA LYS D 156 -2.26 -24.42 -19.77
C LYS D 156 -2.65 -23.99 -18.37
N MET D 157 -1.79 -24.32 -17.41
CA MET D 157 -1.90 -23.74 -16.08
C MET D 157 -0.72 -22.80 -15.87
N SER D 158 -0.98 -21.51 -16.02
CA SER D 158 0.09 -20.52 -15.91
C SER D 158 0.11 -19.91 -14.52
N VAL D 159 1.31 -19.86 -13.93
CA VAL D 159 1.49 -19.29 -12.60
C VAL D 159 1.20 -17.78 -12.61
N VAL D 160 0.45 -17.33 -11.62
CA VAL D 160 0.09 -15.92 -11.52
C VAL D 160 0.40 -15.34 -10.15
N LYS D 161 0.21 -14.03 -10.03
CA LYS D 161 0.38 -13.34 -8.77
C LYS D 161 -0.92 -12.65 -8.38
N LEU D 162 -1.63 -13.24 -7.42
CA LEU D 162 -2.81 -12.57 -6.88
C LEU D 162 -2.35 -11.32 -6.17
N VAL D 163 -3.11 -10.25 -6.30
CA VAL D 163 -2.77 -8.98 -5.66
C VAL D 163 -4.01 -8.31 -5.11
N SER D 164 -3.82 -7.36 -4.21
CA SER D 164 -4.92 -6.53 -3.72
C SER D 164 -5.20 -5.50 -4.79
N HIS D 165 -6.36 -4.85 -4.73
CA HIS D 165 -6.78 -3.95 -5.81
C HIS D 165 -5.87 -2.75 -5.97
N GLU D 166 -5.10 -2.46 -4.94
CA GLU D 166 -4.28 -1.26 -4.91
C GLU D 166 -2.97 -1.44 -5.67
N GLN D 167 -2.48 -2.67 -5.72
CA GLN D 167 -1.27 -2.93 -6.49
C GLN D 167 -1.75 -3.49 -7.82
N CYS D 168 -3.07 -3.43 -8.03
CA CYS D 168 -3.70 -4.00 -9.20
C CYS D 168 -4.12 -2.86 -10.10
N MET D 169 -4.23 -1.69 -9.48
CA MET D 169 -4.50 -0.48 -10.22
C MET D 169 -3.25 -0.24 -11.07
N GLN D 170 -2.12 0.03 -10.41
CA GLN D 170 -0.85 0.12 -11.12
C GLN D 170 0.25 -0.46 -10.21
N PRO D 171 1.01 -1.43 -10.74
CA PRO D 171 2.11 -2.10 -10.03
C PRO D 171 3.46 -1.41 -10.13
N HIS D 172 3.58 -0.32 -10.89
CA HIS D 172 4.89 0.29 -11.04
C HIS D 172 5.15 1.30 -9.92
N TYR D 173 4.17 1.50 -9.04
CA TYR D 173 4.37 2.30 -7.85
C TYR D 173 4.77 1.40 -6.69
N TYR D 174 4.54 0.10 -6.86
CA TYR D 174 4.73 -0.86 -5.78
C TYR D 174 5.97 -1.73 -5.96
N GLY D 175 6.39 -1.90 -7.21
CA GLY D 175 7.54 -2.74 -7.49
C GLY D 175 7.91 -2.88 -8.95
N SER D 176 9.02 -3.57 -9.20
CA SER D 176 9.50 -3.80 -10.56
C SER D 176 8.59 -4.75 -11.32
N GLU D 177 8.62 -4.63 -12.65
CA GLU D 177 7.77 -5.45 -13.51
C GLU D 177 8.40 -6.82 -13.79
N ILE D 178 7.63 -7.87 -13.56
CA ILE D 178 8.05 -9.23 -13.89
C ILE D 178 7.17 -9.81 -14.97
N ASN D 179 7.55 -10.98 -15.47
CA ASN D 179 6.81 -11.62 -16.55
C ASN D 179 5.71 -12.54 -16.05
N TYR D 180 5.06 -12.15 -14.96
CA TYR D 180 3.90 -12.87 -14.46
C TYR D 180 2.65 -12.00 -14.63
N LYS D 181 1.50 -12.64 -14.75
CA LYS D 181 0.24 -11.90 -14.84
C LYS D 181 -0.32 -11.64 -13.46
N MET D 182 -0.72 -10.40 -13.21
CA MET D 182 -1.31 -10.05 -11.93
C MET D 182 -2.83 -10.09 -12.00
N LEU D 183 -3.46 -10.51 -10.91
CA LEU D 183 -4.91 -10.59 -10.85
C LEU D 183 -5.44 -10.06 -9.53
N CYS D 184 -6.49 -9.24 -9.60
CA CYS D 184 -7.14 -8.71 -8.40
C CYS D 184 -8.55 -9.28 -8.28
N ALA D 185 -9.03 -9.40 -7.04
CA ALA D 185 -10.40 -9.87 -6.79
C ALA D 185 -11.44 -8.93 -7.38
N ALA D 186 -12.47 -9.51 -7.98
CA ALA D 186 -13.54 -8.73 -8.61
C ALA D 186 -14.25 -7.84 -7.60
N ASP D 187 -14.43 -6.57 -7.98
CA ASP D 187 -15.09 -5.60 -7.12
C ASP D 187 -15.69 -4.50 -7.98
N PRO D 188 -17.02 -4.28 -7.85
CA PRO D 188 -17.71 -3.24 -8.62
C PRO D 188 -17.23 -1.82 -8.29
N GLU D 189 -16.73 -1.60 -7.09
CA GLU D 189 -16.29 -0.27 -6.67
C GLU D 189 -14.97 0.13 -7.32
N TRP D 190 -14.08 -0.84 -7.50
CA TRP D 190 -12.79 -0.56 -8.10
C TRP D 190 -12.77 -1.08 -9.53
N LYS D 191 -12.62 -0.18 -10.49
CA LYS D 191 -12.66 -0.56 -11.90
C LYS D 191 -11.29 -1.05 -12.38
N THR D 192 -11.25 -2.25 -12.93
CA THR D 192 -9.99 -2.81 -13.42
C THR D 192 -10.11 -3.55 -14.76
N ASP D 193 -9.48 -2.99 -15.79
CA ASP D 193 -9.40 -3.61 -17.12
C ASP D 193 -9.28 -5.14 -17.10
N SER D 194 -10.32 -5.86 -17.50
CA SER D 194 -10.23 -7.32 -17.56
C SER D 194 -10.89 -7.89 -18.82
N CYS D 195 -10.34 -8.99 -19.33
CA CYS D 195 -10.93 -9.67 -20.48
C CYS D 195 -12.24 -10.35 -20.09
N LYS D 196 -13.24 -10.27 -20.96
CA LYS D 196 -14.49 -10.98 -20.74
C LYS D 196 -14.72 -12.04 -21.81
N GLY D 197 -14.04 -13.18 -21.66
CA GLY D 197 -14.13 -14.26 -22.61
C GLY D 197 -15.44 -15.03 -22.51
N ASP D 198 -15.71 -15.85 -23.52
CA ASP D 198 -16.93 -16.65 -23.54
C ASP D 198 -16.78 -17.90 -22.69
N SER D 199 -15.54 -18.23 -22.30
CA SER D 199 -15.30 -19.41 -21.49
C SER D 199 -14.81 -19.03 -20.10
N GLY D 200 -14.37 -20.03 -19.33
CA GLY D 200 -13.91 -19.81 -17.98
C GLY D 200 -13.36 -21.06 -17.32
N GLY D 201 -12.75 -20.88 -16.15
CA GLY D 201 -12.16 -22.00 -15.42
C GLY D 201 -11.67 -21.63 -14.03
N PRO D 202 -11.06 -22.60 -13.33
CA PRO D 202 -10.61 -22.46 -11.95
C PRO D 202 -9.28 -21.73 -11.78
N LEU D 203 -9.14 -21.03 -10.65
CA LEU D 203 -7.87 -20.46 -10.22
C LEU D 203 -7.45 -21.17 -8.94
N ILE D 204 -6.30 -21.85 -9.00
CA ILE D 204 -5.84 -22.69 -7.90
C ILE D 204 -4.65 -22.09 -7.17
N CYS D 205 -4.72 -22.08 -5.84
CA CYS D 205 -3.60 -21.63 -5.02
C CYS D 205 -3.26 -22.67 -3.96
N ASN D 206 -2.05 -22.59 -3.43
CA ASN D 206 -1.64 -23.46 -2.33
C ASN D 206 -1.85 -22.77 -0.98
N ILE D 207 -2.98 -23.06 -0.35
CA ILE D 207 -3.28 -22.53 0.97
C ILE D 207 -2.96 -23.57 2.03
N GLU D 208 -2.11 -23.20 3.00
CA GLU D 208 -1.67 -24.10 4.07
C GLU D 208 -1.08 -25.39 3.50
N GLY D 209 -0.46 -25.29 2.32
CA GLY D 209 0.22 -26.42 1.71
C GLY D 209 -0.68 -27.41 1.01
N ARG D 210 -1.89 -26.98 0.63
CA ARG D 210 -2.79 -27.84 -0.12
C ARG D 210 -3.43 -27.07 -1.26
N PRO D 211 -3.53 -27.70 -2.44
CA PRO D 211 -4.22 -27.12 -3.60
C PRO D 211 -5.64 -26.68 -3.24
N THR D 212 -5.99 -25.45 -3.59
CA THR D 212 -7.26 -24.86 -3.18
C THR D 212 -7.92 -24.10 -4.32
N LEU D 213 -9.22 -24.29 -4.48
CA LEU D 213 -9.99 -23.49 -5.44
C LEU D 213 -10.12 -22.06 -4.91
N SER D 214 -9.19 -21.20 -5.30
CA SER D 214 -9.15 -19.84 -4.78
C SER D 214 -9.96 -18.86 -5.61
N GLY D 215 -9.97 -19.05 -6.92
CA GLY D 215 -10.66 -18.10 -7.79
C GLY D 215 -11.43 -18.70 -8.95
N ILE D 216 -12.17 -17.84 -9.63
CA ILE D 216 -12.86 -18.21 -10.87
C ILE D 216 -12.52 -17.21 -11.96
N VAL D 217 -11.77 -17.67 -12.97
CA VAL D 217 -11.33 -16.80 -14.05
C VAL D 217 -12.10 -17.10 -15.34
N SER D 218 -11.93 -16.24 -16.33
CA SER D 218 -12.57 -16.43 -17.63
C SER D 218 -11.55 -16.79 -18.69
N TRP D 219 -11.96 -17.62 -19.64
CA TRP D 219 -11.11 -17.99 -20.77
C TRP D 219 -11.56 -17.28 -22.04
N GLY D 220 -10.59 -16.71 -22.75
CA GLY D 220 -10.88 -16.03 -24.00
C GLY D 220 -9.67 -15.30 -24.58
N ARG D 221 -9.92 -14.22 -25.30
CA ARG D 221 -8.84 -13.44 -25.90
C ARG D 221 -8.46 -12.27 -25.02
N GLY D 222 -7.18 -12.11 -24.72
CA GLY D 222 -6.74 -11.06 -23.82
C GLY D 222 -6.79 -11.55 -22.39
N CYS D 223 -6.94 -12.85 -22.25
CA CYS D 223 -7.07 -13.50 -20.96
C CYS D 223 -5.74 -14.15 -20.63
N ALA D 224 -4.79 -14.01 -21.56
CA ALA D 224 -3.44 -14.52 -21.40
C ALA D 224 -2.37 -13.42 -21.46
N GLU D 225 -2.76 -12.15 -21.45
CA GLU D 225 -1.75 -11.09 -21.58
C GLU D 225 -1.15 -10.82 -20.20
N LYS D 226 0.17 -10.72 -20.13
CA LYS D 226 0.84 -10.61 -18.83
C LYS D 226 1.10 -9.15 -18.48
N ASN D 227 1.04 -8.29 -19.48
CA ASN D 227 1.40 -6.90 -19.28
C ASN D 227 0.26 -6.10 -18.63
N LYS D 228 -0.98 -6.49 -18.92
CA LYS D 228 -2.12 -5.91 -18.23
C LYS D 228 -2.75 -6.88 -17.23
N PRO D 229 -3.05 -6.38 -16.03
CA PRO D 229 -3.65 -7.13 -14.93
C PRO D 229 -5.06 -7.62 -15.24
N GLY D 230 -5.45 -8.74 -14.66
CA GLY D 230 -6.77 -9.29 -14.87
C GLY D 230 -7.61 -9.28 -13.61
N VAL D 231 -8.75 -9.97 -13.66
CA VAL D 231 -9.69 -9.98 -12.55
C VAL D 231 -10.27 -11.38 -12.34
N TYR D 232 -10.28 -11.83 -11.10
CA TYR D 232 -10.83 -13.14 -10.77
C TYR D 232 -11.93 -13.03 -9.72
N THR D 233 -12.93 -13.89 -9.84
CA THR D 233 -13.97 -13.99 -8.81
C THR D 233 -13.40 -14.77 -7.63
N ARG D 234 -13.28 -14.11 -6.48
CA ARG D 234 -12.64 -14.72 -5.33
C ARG D 234 -13.60 -15.66 -4.60
N VAL D 235 -13.29 -16.96 -4.65
CA VAL D 235 -14.15 -18.00 -4.10
C VAL D 235 -14.37 -17.84 -2.59
N SER D 236 -13.35 -17.35 -1.90
CA SER D 236 -13.40 -17.19 -0.45
C SER D 236 -14.51 -16.24 -0.01
N HIS D 237 -14.93 -15.36 -0.91
CA HIS D 237 -15.97 -14.39 -0.61
C HIS D 237 -17.37 -14.98 -0.79
N PHE D 238 -17.43 -16.27 -1.09
CA PHE D 238 -18.72 -16.91 -1.39
C PHE D 238 -18.95 -18.18 -0.58
N LEU D 239 -18.04 -18.48 0.34
CA LEU D 239 -18.09 -19.68 1.18
C LEU D 239 -19.50 -19.97 1.69
N ASP D 240 -20.03 -19.03 2.47
CA ASP D 240 -21.40 -19.12 2.99
C ASP D 240 -22.36 -19.58 1.90
N TRP D 241 -22.43 -18.81 0.83
CA TRP D 241 -23.30 -19.11 -0.30
C TRP D 241 -23.11 -20.54 -0.74
N ILE D 242 -21.86 -20.90 -1.03
CA ILE D 242 -21.53 -22.24 -1.49
C ILE D 242 -22.10 -23.25 -0.50
N GLN D 243 -21.80 -23.05 0.78
CA GLN D 243 -22.20 -23.99 1.80
C GLN D 243 -23.72 -24.06 1.93
N SER D 244 -24.39 -22.93 1.67
CA SER D 244 -25.84 -22.87 1.78
C SER D 244 -26.49 -23.73 0.71
N HIS D 245 -25.69 -24.18 -0.24
CA HIS D 245 -26.18 -25.05 -1.29
C HIS D 245 -25.54 -26.44 -1.25
N ILE D 246 -24.53 -26.64 -0.39
CA ILE D 246 -23.85 -27.93 -0.38
C ILE D 246 -24.20 -28.79 0.82
N GLY D 247 -24.21 -28.18 2.01
CA GLY D 247 -24.40 -28.88 3.27
C GLY D 247 -25.55 -29.88 3.30
#